data_1DN9
# 
_entry.id   1DN9 
# 
_audit_conform.dict_name       mmcif_pdbx.dic 
_audit_conform.dict_version    5.385 
_audit_conform.dict_location   http://mmcif.pdb.org/dictionaries/ascii/mmcif_pdbx.dic 
# 
loop_
_database_2.database_id 
_database_2.database_code 
_database_2.pdbx_database_accession 
_database_2.pdbx_DOI 
PDB   1DN9         pdb_00001dn9 10.2210/pdb1dn9/pdb 
RCSB  BDL007       ?            ?                   
WWPDB D_1000172854 ?            ?                   
# 
loop_
_pdbx_audit_revision_history.ordinal 
_pdbx_audit_revision_history.data_content_type 
_pdbx_audit_revision_history.major_revision 
_pdbx_audit_revision_history.minor_revision 
_pdbx_audit_revision_history.revision_date 
1 'Structure model' 1 0 1990-04-15 
2 'Structure model' 1 1 2008-05-22 
3 'Structure model' 1 2 2011-07-13 
4 'Structure model' 1 3 2024-02-07 
# 
_pdbx_audit_revision_details.ordinal             1 
_pdbx_audit_revision_details.revision_ordinal    1 
_pdbx_audit_revision_details.data_content_type   'Structure model' 
_pdbx_audit_revision_details.provider            repository 
_pdbx_audit_revision_details.type                'Initial release' 
_pdbx_audit_revision_details.description         ? 
_pdbx_audit_revision_details.details             ? 
# 
loop_
_pdbx_audit_revision_group.ordinal 
_pdbx_audit_revision_group.revision_ordinal 
_pdbx_audit_revision_group.data_content_type 
_pdbx_audit_revision_group.group 
1 2 'Structure model' 'Version format compliance' 
2 3 'Structure model' 'Version format compliance' 
3 4 'Structure model' 'Data collection'           
4 4 'Structure model' 'Database references'       
# 
loop_
_pdbx_audit_revision_category.ordinal 
_pdbx_audit_revision_category.revision_ordinal 
_pdbx_audit_revision_category.data_content_type 
_pdbx_audit_revision_category.category 
1 4 'Structure model' chem_comp_atom 
2 4 'Structure model' chem_comp_bond 
3 4 'Structure model' database_2     
# 
loop_
_pdbx_audit_revision_item.ordinal 
_pdbx_audit_revision_item.revision_ordinal 
_pdbx_audit_revision_item.data_content_type 
_pdbx_audit_revision_item.item 
1 4 'Structure model' '_database_2.pdbx_DOI'                
2 4 'Structure model' '_database_2.pdbx_database_accession' 
# 
_pdbx_database_status.status_code                     REL 
_pdbx_database_status.entry_id                        1DN9 
_pdbx_database_status.recvd_initial_deposition_date   1989-04-25 
_pdbx_database_status.deposit_site                    BNL 
_pdbx_database_status.process_site                    BNL 
_pdbx_database_status.status_code_sf                  REL 
_pdbx_database_status.status_code_mr                  ? 
_pdbx_database_status.SG_entry                        ? 
_pdbx_database_status.pdb_format_compatible           Y 
_pdbx_database_status.status_code_cs                  ? 
_pdbx_database_status.status_code_nmr_data            ? 
_pdbx_database_status.methods_development_category    ? 
# 
loop_
_audit_author.name 
_audit_author.pdbx_ordinal 
'Yoon, C.'        1 
'Dickerson, R.E.' 2 
# 
_citation.id                        primary 
_citation.title                     'Structure of an alternating-B DNA helix and its relationship to A-tract DNA.' 
_citation.journal_abbrev            Proc.Natl.Acad.Sci.USA 
_citation.journal_volume            85 
_citation.page_first                6332 
_citation.page_last                 6336 
_citation.year                      1988 
_citation.journal_id_ASTM           PNASA6 
_citation.country                   US 
_citation.journal_id_ISSN           0027-8424 
_citation.journal_id_CSD            0040 
_citation.book_publisher            ? 
_citation.pdbx_database_id_PubMed   3413099 
_citation.pdbx_database_id_DOI      10.1073/pnas.85.17.6332 
# 
loop_
_citation_author.citation_id 
_citation_author.name 
_citation_author.ordinal 
_citation_author.identifier_ORCID 
primary 'Yoon, C.'        1 ? 
primary 'Prive, G.G.'     2 ? 
primary 'Goodsell, D.S.'  3 ? 
primary 'Dickerson, R.E.' 4 ? 
# 
loop_
_entity.id 
_entity.type 
_entity.src_method 
_entity.pdbx_description 
_entity.formula_weight 
_entity.pdbx_number_of_molecules 
_entity.pdbx_ec 
_entity.pdbx_mutation 
_entity.pdbx_fragment 
_entity.details 
1 polymer syn 
;DNA (5'-D(*CP*GP*CP*AP*TP*AP*TP*AP*TP*GP*CP*G)-3')
;
3662.404 2  ? ? ? ? 
2 water   nat water                                                18.015   43 ? ? ? ? 
# 
_entity_poly.entity_id                      1 
_entity_poly.type                           polydeoxyribonucleotide 
_entity_poly.nstd_linkage                   no 
_entity_poly.nstd_monomer                   no 
_entity_poly.pdbx_seq_one_letter_code       '(DC)(DG)(DC)(DA)(DT)(DA)(DT)(DA)(DT)(DG)(DC)(DG)' 
_entity_poly.pdbx_seq_one_letter_code_can   CGCATATATGCG 
_entity_poly.pdbx_strand_id                 A,B 
_entity_poly.pdbx_target_identifier         ? 
# 
_pdbx_entity_nonpoly.entity_id   2 
_pdbx_entity_nonpoly.name        water 
_pdbx_entity_nonpoly.comp_id     HOH 
# 
loop_
_entity_poly_seq.entity_id 
_entity_poly_seq.num 
_entity_poly_seq.mon_id 
_entity_poly_seq.hetero 
1 1  DC n 
1 2  DG n 
1 3  DC n 
1 4  DA n 
1 5  DT n 
1 6  DA n 
1 7  DT n 
1 8  DA n 
1 9  DT n 
1 10 DG n 
1 11 DC n 
1 12 DG n 
# 
loop_
_chem_comp.id 
_chem_comp.type 
_chem_comp.mon_nstd_flag 
_chem_comp.name 
_chem_comp.pdbx_synonyms 
_chem_comp.formula 
_chem_comp.formula_weight 
DA  'DNA linking' y "2'-DEOXYADENOSINE-5'-MONOPHOSPHATE" ? 'C10 H14 N5 O6 P' 331.222 
DC  'DNA linking' y "2'-DEOXYCYTIDINE-5'-MONOPHOSPHATE"  ? 'C9 H14 N3 O7 P'  307.197 
DG  'DNA linking' y "2'-DEOXYGUANOSINE-5'-MONOPHOSPHATE" ? 'C10 H14 N5 O7 P' 347.221 
DT  'DNA linking' y "THYMIDINE-5'-MONOPHOSPHATE"         ? 'C10 H15 N2 O8 P' 322.208 
HOH non-polymer   . WATER                                ? 'H2 O'            18.015  
# 
loop_
_pdbx_poly_seq_scheme.asym_id 
_pdbx_poly_seq_scheme.entity_id 
_pdbx_poly_seq_scheme.seq_id 
_pdbx_poly_seq_scheme.mon_id 
_pdbx_poly_seq_scheme.ndb_seq_num 
_pdbx_poly_seq_scheme.pdb_seq_num 
_pdbx_poly_seq_scheme.auth_seq_num 
_pdbx_poly_seq_scheme.pdb_mon_id 
_pdbx_poly_seq_scheme.auth_mon_id 
_pdbx_poly_seq_scheme.pdb_strand_id 
_pdbx_poly_seq_scheme.pdb_ins_code 
_pdbx_poly_seq_scheme.hetero 
A 1 1  DC 1  1  1  DC C A . n 
A 1 2  DG 2  2  2  DG G A . n 
A 1 3  DC 3  3  3  DC C A . n 
A 1 4  DA 4  4  4  DA A A . n 
A 1 5  DT 5  5  5  DT T A . n 
A 1 6  DA 6  6  6  DA A A . n 
A 1 7  DT 7  7  7  DT T A . n 
A 1 8  DA 8  8  8  DA A A . n 
A 1 9  DT 9  9  9  DT T A . n 
A 1 10 DG 10 10 10 DG G A . n 
A 1 11 DC 11 11 11 DC C A . n 
A 1 12 DG 12 12 12 DG G A . n 
B 1 1  DC 1  13 13 DC C B . n 
B 1 2  DG 2  14 14 DG G B . n 
B 1 3  DC 3  15 15 DC C B . n 
B 1 4  DA 4  16 16 DA A B . n 
B 1 5  DT 5  17 17 DT T B . n 
B 1 6  DA 6  18 18 DA A B . n 
B 1 7  DT 7  19 19 DT T B . n 
B 1 8  DA 8  20 20 DA A B . n 
B 1 9  DT 9  21 21 DT T B . n 
B 1 10 DG 10 22 22 DG G B . n 
B 1 11 DC 11 23 23 DC C B . n 
B 1 12 DG 12 24 24 DG G B . n 
# 
loop_
_pdbx_nonpoly_scheme.asym_id 
_pdbx_nonpoly_scheme.entity_id 
_pdbx_nonpoly_scheme.mon_id 
_pdbx_nonpoly_scheme.ndb_seq_num 
_pdbx_nonpoly_scheme.pdb_seq_num 
_pdbx_nonpoly_scheme.auth_seq_num 
_pdbx_nonpoly_scheme.pdb_mon_id 
_pdbx_nonpoly_scheme.auth_mon_id 
_pdbx_nonpoly_scheme.pdb_strand_id 
_pdbx_nonpoly_scheme.pdb_ins_code 
C 2 HOH 1  27 27 HOH HOH A . 
C 2 HOH 2  28 28 HOH HOH A . 
C 2 HOH 3  31 31 HOH HOH A . 
C 2 HOH 4  36 36 HOH HOH A . 
C 2 HOH 5  38 38 HOH HOH A . 
C 2 HOH 6  39 39 HOH HOH A . 
C 2 HOH 7  41 41 HOH HOH A . 
C 2 HOH 8  42 42 HOH HOH A . 
C 2 HOH 9  46 46 HOH HOH A . 
C 2 HOH 10 47 47 HOH HOH A . 
C 2 HOH 11 48 48 HOH HOH A . 
C 2 HOH 12 49 49 HOH HOH A . 
C 2 HOH 13 50 50 HOH HOH A . 
C 2 HOH 14 54 54 HOH HOH A . 
C 2 HOH 15 55 55 HOH HOH A . 
C 2 HOH 16 56 56 HOH HOH A . 
C 2 HOH 17 57 57 HOH HOH A . 
C 2 HOH 18 64 64 HOH HOH A . 
C 2 HOH 19 65 65 HOH HOH A . 
D 2 HOH 1  25 25 HOH HOH B . 
D 2 HOH 2  26 26 HOH HOH B . 
D 2 HOH 3  29 29 HOH HOH B . 
D 2 HOH 4  30 30 HOH HOH B . 
D 2 HOH 5  32 32 HOH HOH B . 
D 2 HOH 6  33 33 HOH HOH B . 
D 2 HOH 7  34 34 HOH HOH B . 
D 2 HOH 8  35 35 HOH HOH B . 
D 2 HOH 9  37 37 HOH HOH B . 
D 2 HOH 10 40 40 HOH HOH B . 
D 2 HOH 11 43 43 HOH HOH B . 
D 2 HOH 12 44 44 HOH HOH B . 
D 2 HOH 13 45 45 HOH HOH B . 
D 2 HOH 14 51 51 HOH HOH B . 
D 2 HOH 15 52 52 HOH HOH B . 
D 2 HOH 16 53 53 HOH HOH B . 
D 2 HOH 17 58 58 HOH HOH B . 
D 2 HOH 18 59 59 HOH HOH B . 
D 2 HOH 19 60 60 HOH HOH B . 
D 2 HOH 20 61 61 HOH HOH B . 
D 2 HOH 21 62 62 HOH HOH B . 
D 2 HOH 22 63 63 HOH HOH B . 
D 2 HOH 23 66 66 HOH HOH B . 
D 2 HOH 24 67 67 HOH HOH B . 
# 
_software.name             X-PLOR 
_software.classification   refinement 
_software.version          . 
_software.citation_id      ? 
_software.pdbx_ordinal     1 
# 
_cell.entry_id           1DN9 
_cell.length_a           23.540 
_cell.length_b           38.860 
_cell.length_c           66.570 
_cell.angle_alpha        90.00 
_cell.angle_beta         90.00 
_cell.angle_gamma        90.00 
_cell.Z_PDB              8 
_cell.pdbx_unique_axis   ? 
# 
_symmetry.entry_id                         1DN9 
_symmetry.space_group_name_H-M             'P 21 21 21' 
_symmetry.pdbx_full_space_group_name_H-M   ? 
_symmetry.cell_setting                     ? 
_symmetry.Int_Tables_number                19 
# 
_exptl.entry_id          1DN9 
_exptl.method            'X-RAY DIFFRACTION' 
_exptl.crystals_number   ? 
# 
_exptl_crystal.id                    1 
_exptl_crystal.density_meas          ? 
_exptl_crystal.density_Matthews      2.08 
_exptl_crystal.density_percent_sol   40.82 
_exptl_crystal.description           ? 
# 
_exptl_crystal_grow.crystal_id      1 
_exptl_crystal_grow.method          'VAPOR DIFFUSION' 
_exptl_crystal_grow.temp            ? 
_exptl_crystal_grow.temp_details    ? 
_exptl_crystal_grow.pH              ? 
_exptl_crystal_grow.pdbx_details    'VAPOR DIFFUSION' 
_exptl_crystal_grow.pdbx_pH_range   ? 
# 
loop_
_exptl_crystal_grow_comp.crystal_id 
_exptl_crystal_grow_comp.id 
_exptl_crystal_grow_comp.sol_id 
_exptl_crystal_grow_comp.name 
_exptl_crystal_grow_comp.volume 
_exptl_crystal_grow_comp.conc 
_exptl_crystal_grow_comp.details 
1 1 1 WATER        ? ? ? 
1 2 1 MPD          ? ? ? 
1 3 1 'MG ACETATE' ? ? ? 
1 4 1 SPERMINE     ? ? ? 
1 5 2 WATER        ? ? ? 
1 6 2 MPD          ? ? ? 
# 
_diffrn.id                     1 
_diffrn.ambient_temp           279.00 
_diffrn.ambient_temp_details   ? 
_diffrn.crystal_id             1 
# 
_diffrn_detector.diffrn_id              1 
_diffrn_detector.detector               'AREA DETECTOR' 
_diffrn_detector.type                   SDMS 
_diffrn_detector.pdbx_collection_date   ? 
_diffrn_detector.details                ? 
# 
_diffrn_radiation.diffrn_id                        1 
_diffrn_radiation.wavelength_id                    1 
_diffrn_radiation.pdbx_monochromatic_or_laue_m_l   ? 
_diffrn_radiation.monochromator                    ? 
_diffrn_radiation.pdbx_diffrn_protocol             ? 
_diffrn_radiation.pdbx_scattering_type             x-ray 
# 
_diffrn_radiation_wavelength.id           1 
_diffrn_radiation_wavelength.wavelength   . 
_diffrn_radiation_wavelength.wt           1.0 
# 
_diffrn_source.diffrn_id                   1 
_diffrn_source.source                      ? 
_diffrn_source.type                        ? 
_diffrn_source.pdbx_synchrotron_site       ? 
_diffrn_source.pdbx_synchrotron_beamline   ? 
_diffrn_source.pdbx_wavelength             ? 
_diffrn_source.pdbx_wavelength_list        ? 
# 
_reflns.entry_id                     1DN9 
_reflns.observed_criterion_sigma_I   ? 
_reflns.observed_criterion_sigma_F   ? 
_reflns.d_resolution_low             8.000 
_reflns.d_resolution_high            2.200 
_reflns.number_obs                   2994 
_reflns.number_all                   ? 
_reflns.percent_possible_obs         ? 
_reflns.pdbx_Rmerge_I_obs            ? 
_reflns.pdbx_Rsym_value              ? 
_reflns.pdbx_netI_over_sigmaI        ? 
_reflns.B_iso_Wilson_estimate        ? 
_reflns.pdbx_redundancy              ? 
_reflns.pdbx_diffrn_id               1 
_reflns.pdbx_ordinal                 1 
# 
_refine.entry_id                                 1DN9 
_refine.ls_number_reflns_obs                     1915 
_refine.ls_number_reflns_all                     ? 
_refine.pdbx_ls_sigma_I                          ? 
_refine.pdbx_ls_sigma_F                          0.500 
_refine.pdbx_data_cutoff_high_absF               ? 
_refine.pdbx_data_cutoff_low_absF                ? 
_refine.pdbx_data_cutoff_high_rms_absF           ? 
_refine.ls_d_res_low                             8.000 
_refine.ls_d_res_high                            2.200 
_refine.ls_percent_reflns_obs                    ? 
_refine.ls_R_factor_obs                          0.1890000 
_refine.ls_R_factor_all                          ? 
_refine.ls_R_factor_R_work                       0.1890000 
_refine.ls_R_factor_R_free                       ? 
_refine.ls_R_factor_R_free_error                 ? 
_refine.ls_R_factor_R_free_error_details         ? 
_refine.ls_percent_reflns_R_free                 ? 
_refine.ls_number_reflns_R_free                  ? 
_refine.ls_number_parameters                     ? 
_refine.ls_number_restraints                     ? 
_refine.occupancy_min                            ? 
_refine.occupancy_max                            ? 
_refine.B_iso_mean                               ? 
_refine.aniso_B[1][1]                            ? 
_refine.aniso_B[2][2]                            ? 
_refine.aniso_B[3][3]                            ? 
_refine.aniso_B[1][2]                            ? 
_refine.aniso_B[1][3]                            ? 
_refine.aniso_B[2][3]                            ? 
_refine.solvent_model_details                    ? 
_refine.solvent_model_param_ksol                 ? 
_refine.solvent_model_param_bsol                 ? 
_refine.pdbx_ls_cross_valid_method               ? 
_refine.details                                  ? 
_refine.pdbx_starting_model                      ? 
_refine.pdbx_method_to_determine_struct          ? 
_refine.pdbx_isotropic_thermal_model             ? 
_refine.pdbx_stereochemistry_target_values       ? 
_refine.pdbx_stereochem_target_val_spec_case     ? 
_refine.pdbx_R_Free_selection_details            ? 
_refine.pdbx_overall_ESU_R                       ? 
_refine.pdbx_overall_ESU_R_Free                  ? 
_refine.overall_SU_ML                            ? 
_refine.overall_SU_B                             ? 
_refine.pdbx_refine_id                           'X-RAY DIFFRACTION' 
_refine.pdbx_diffrn_id                           1 
_refine.pdbx_TLS_residual_ADP_flag               ? 
_refine.correlation_coeff_Fo_to_Fc               ? 
_refine.correlation_coeff_Fo_to_Fc_free          ? 
_refine.pdbx_solvent_vdw_probe_radii             ? 
_refine.pdbx_solvent_ion_probe_radii             ? 
_refine.pdbx_solvent_shrinkage_radii             ? 
_refine.pdbx_overall_phase_error                 ? 
_refine.overall_SU_R_Cruickshank_DPI             ? 
_refine.pdbx_overall_SU_R_free_Cruickshank_DPI   ? 
_refine.pdbx_overall_SU_R_Blow_DPI               ? 
_refine.pdbx_overall_SU_R_free_Blow_DPI          ? 
# 
_refine_hist.pdbx_refine_id                   'X-RAY DIFFRACTION' 
_refine_hist.cycle_id                         LAST 
_refine_hist.pdbx_number_atoms_protein        0 
_refine_hist.pdbx_number_atoms_nucleic_acid   486 
_refine_hist.pdbx_number_atoms_ligand         0 
_refine_hist.number_atoms_solvent             43 
_refine_hist.number_atoms_total               529 
_refine_hist.d_res_high                       2.200 
_refine_hist.d_res_low                        8.000 
# 
_struct.entry_id                  1DN9 
_struct.title                     'STRUCTURE OF AN ALTERNATING-B DNA HELIX AND ITS RELATIONSHIP TO A-TRACT DNA' 
_struct.pdbx_model_details        ? 
_struct.pdbx_CASP_flag            ? 
_struct.pdbx_model_type_details   ? 
# 
_struct_keywords.entry_id        1DN9 
_struct_keywords.pdbx_keywords   DNA 
_struct_keywords.text            'B-DNA, DOUBLE HELIX, DNA' 
# 
loop_
_struct_asym.id 
_struct_asym.pdbx_blank_PDB_chainid_flag 
_struct_asym.pdbx_modified 
_struct_asym.entity_id 
_struct_asym.details 
A N N 1 ? 
B N N 1 ? 
C N N 2 ? 
D N N 2 ? 
# 
_struct_ref.id                         1 
_struct_ref.entity_id                  1 
_struct_ref.db_name                    PDB 
_struct_ref.db_code                    1DN9 
_struct_ref.pdbx_db_accession          1DN9 
_struct_ref.pdbx_db_isoform            ? 
_struct_ref.pdbx_seq_one_letter_code   ? 
_struct_ref.pdbx_align_begin           ? 
# 
loop_
_struct_ref_seq.align_id 
_struct_ref_seq.ref_id 
_struct_ref_seq.pdbx_PDB_id_code 
_struct_ref_seq.pdbx_strand_id 
_struct_ref_seq.seq_align_beg 
_struct_ref_seq.pdbx_seq_align_beg_ins_code 
_struct_ref_seq.seq_align_end 
_struct_ref_seq.pdbx_seq_align_end_ins_code 
_struct_ref_seq.pdbx_db_accession 
_struct_ref_seq.db_align_beg 
_struct_ref_seq.pdbx_db_align_beg_ins_code 
_struct_ref_seq.db_align_end 
_struct_ref_seq.pdbx_db_align_end_ins_code 
_struct_ref_seq.pdbx_auth_seq_align_beg 
_struct_ref_seq.pdbx_auth_seq_align_end 
1 1 1DN9 A 1 ? 12 ? 1DN9 1  ? 12 ? 1  12 
2 1 1DN9 B 1 ? 12 ? 1DN9 13 ? 24 ? 13 24 
# 
_pdbx_struct_assembly.id                   1 
_pdbx_struct_assembly.details              author_defined_assembly 
_pdbx_struct_assembly.method_details       ? 
_pdbx_struct_assembly.oligomeric_details   dimeric 
_pdbx_struct_assembly.oligomeric_count     2 
# 
_pdbx_struct_assembly_gen.assembly_id       1 
_pdbx_struct_assembly_gen.oper_expression   1 
_pdbx_struct_assembly_gen.asym_id_list      A,B,C,D 
# 
_pdbx_struct_oper_list.id                   1 
_pdbx_struct_oper_list.type                 'identity operation' 
_pdbx_struct_oper_list.name                 1_555 
_pdbx_struct_oper_list.symmetry_operation   x,y,z 
_pdbx_struct_oper_list.matrix[1][1]         1.0000000000 
_pdbx_struct_oper_list.matrix[1][2]         0.0000000000 
_pdbx_struct_oper_list.matrix[1][3]         0.0000000000 
_pdbx_struct_oper_list.vector[1]            0.0000000000 
_pdbx_struct_oper_list.matrix[2][1]         0.0000000000 
_pdbx_struct_oper_list.matrix[2][2]         1.0000000000 
_pdbx_struct_oper_list.matrix[2][3]         0.0000000000 
_pdbx_struct_oper_list.vector[2]            0.0000000000 
_pdbx_struct_oper_list.matrix[3][1]         0.0000000000 
_pdbx_struct_oper_list.matrix[3][2]         0.0000000000 
_pdbx_struct_oper_list.matrix[3][3]         1.0000000000 
_pdbx_struct_oper_list.vector[3]            0.0000000000 
# 
_struct_biol.id   1 
# 
loop_
_struct_conn.id 
_struct_conn.conn_type_id 
_struct_conn.pdbx_leaving_atom_flag 
_struct_conn.pdbx_PDB_id 
_struct_conn.ptnr1_label_asym_id 
_struct_conn.ptnr1_label_comp_id 
_struct_conn.ptnr1_label_seq_id 
_struct_conn.ptnr1_label_atom_id 
_struct_conn.pdbx_ptnr1_label_alt_id 
_struct_conn.pdbx_ptnr1_PDB_ins_code 
_struct_conn.pdbx_ptnr1_standard_comp_id 
_struct_conn.ptnr1_symmetry 
_struct_conn.ptnr2_label_asym_id 
_struct_conn.ptnr2_label_comp_id 
_struct_conn.ptnr2_label_seq_id 
_struct_conn.ptnr2_label_atom_id 
_struct_conn.pdbx_ptnr2_label_alt_id 
_struct_conn.pdbx_ptnr2_PDB_ins_code 
_struct_conn.ptnr1_auth_asym_id 
_struct_conn.ptnr1_auth_comp_id 
_struct_conn.ptnr1_auth_seq_id 
_struct_conn.ptnr2_auth_asym_id 
_struct_conn.ptnr2_auth_comp_id 
_struct_conn.ptnr2_auth_seq_id 
_struct_conn.ptnr2_symmetry 
_struct_conn.pdbx_ptnr3_label_atom_id 
_struct_conn.pdbx_ptnr3_label_seq_id 
_struct_conn.pdbx_ptnr3_label_comp_id 
_struct_conn.pdbx_ptnr3_label_asym_id 
_struct_conn.pdbx_ptnr3_label_alt_id 
_struct_conn.pdbx_ptnr3_PDB_ins_code 
_struct_conn.details 
_struct_conn.pdbx_dist_value 
_struct_conn.pdbx_value_order 
_struct_conn.pdbx_role 
hydrog1  hydrog ? ? A DC 1  N3 ? ? ? 1_555 B DG 12 N1 ? ? A DC 1  B DG 24 1_555 ? ? ? ? ? ? WATSON-CRICK ? ? ? 
hydrog2  hydrog ? ? A DC 1  N4 ? ? ? 1_555 B DG 12 O6 ? ? A DC 1  B DG 24 1_555 ? ? ? ? ? ? WATSON-CRICK ? ? ? 
hydrog3  hydrog ? ? A DC 1  O2 ? ? ? 1_555 B DG 12 N2 ? ? A DC 1  B DG 24 1_555 ? ? ? ? ? ? WATSON-CRICK ? ? ? 
hydrog4  hydrog ? ? A DG 2  N1 ? ? ? 1_555 B DC 11 N3 ? ? A DG 2  B DC 23 1_555 ? ? ? ? ? ? WATSON-CRICK ? ? ? 
hydrog5  hydrog ? ? A DG 2  N2 ? ? ? 1_555 B DC 11 O2 ? ? A DG 2  B DC 23 1_555 ? ? ? ? ? ? WATSON-CRICK ? ? ? 
hydrog6  hydrog ? ? A DG 2  O6 ? ? ? 1_555 B DC 11 N4 ? ? A DG 2  B DC 23 1_555 ? ? ? ? ? ? WATSON-CRICK ? ? ? 
hydrog7  hydrog ? ? A DC 3  N3 ? ? ? 1_555 B DG 10 N1 ? ? A DC 3  B DG 22 1_555 ? ? ? ? ? ? WATSON-CRICK ? ? ? 
hydrog8  hydrog ? ? A DC 3  N4 ? ? ? 1_555 B DG 10 O6 ? ? A DC 3  B DG 22 1_555 ? ? ? ? ? ? WATSON-CRICK ? ? ? 
hydrog9  hydrog ? ? A DC 3  O2 ? ? ? 1_555 B DG 10 N2 ? ? A DC 3  B DG 22 1_555 ? ? ? ? ? ? WATSON-CRICK ? ? ? 
hydrog10 hydrog ? ? A DA 4  N1 ? ? ? 1_555 B DT 9  N3 ? ? A DA 4  B DT 21 1_555 ? ? ? ? ? ? WATSON-CRICK ? ? ? 
hydrog11 hydrog ? ? A DA 4  N6 ? ? ? 1_555 B DT 9  O4 ? ? A DA 4  B DT 21 1_555 ? ? ? ? ? ? WATSON-CRICK ? ? ? 
hydrog12 hydrog ? ? A DT 5  N3 ? ? ? 1_555 B DA 8  N1 ? ? A DT 5  B DA 20 1_555 ? ? ? ? ? ? WATSON-CRICK ? ? ? 
hydrog13 hydrog ? ? A DT 5  O4 ? ? ? 1_555 B DA 8  N6 ? ? A DT 5  B DA 20 1_555 ? ? ? ? ? ? WATSON-CRICK ? ? ? 
hydrog14 hydrog ? ? A DA 6  N1 ? ? ? 1_555 B DT 7  N3 ? ? A DA 6  B DT 19 1_555 ? ? ? ? ? ? WATSON-CRICK ? ? ? 
hydrog15 hydrog ? ? A DA 6  N6 ? ? ? 1_555 B DT 7  O4 ? ? A DA 6  B DT 19 1_555 ? ? ? ? ? ? WATSON-CRICK ? ? ? 
hydrog16 hydrog ? ? A DT 7  N3 ? ? ? 1_555 B DA 6  N1 ? ? A DT 7  B DA 18 1_555 ? ? ? ? ? ? 'DT-DA PAIR' ? ? ? 
hydrog17 hydrog ? ? A DA 8  N1 ? ? ? 1_555 B DT 5  N3 ? ? A DA 8  B DT 17 1_555 ? ? ? ? ? ? WATSON-CRICK ? ? ? 
hydrog18 hydrog ? ? A DA 8  N6 ? ? ? 1_555 B DT 5  O4 ? ? A DA 8  B DT 17 1_555 ? ? ? ? ? ? WATSON-CRICK ? ? ? 
hydrog19 hydrog ? ? A DT 9  N3 ? ? ? 1_555 B DA 4  N1 ? ? A DT 9  B DA 16 1_555 ? ? ? ? ? ? WATSON-CRICK ? ? ? 
hydrog20 hydrog ? ? A DT 9  O4 ? ? ? 1_555 B DA 4  N6 ? ? A DT 9  B DA 16 1_555 ? ? ? ? ? ? WATSON-CRICK ? ? ? 
hydrog21 hydrog ? ? A DG 10 N1 ? ? ? 1_555 B DC 3  N3 ? ? A DG 10 B DC 15 1_555 ? ? ? ? ? ? WATSON-CRICK ? ? ? 
hydrog22 hydrog ? ? A DG 10 N2 ? ? ? 1_555 B DC 3  O2 ? ? A DG 10 B DC 15 1_555 ? ? ? ? ? ? WATSON-CRICK ? ? ? 
hydrog23 hydrog ? ? A DG 10 O6 ? ? ? 1_555 B DC 3  N4 ? ? A DG 10 B DC 15 1_555 ? ? ? ? ? ? WATSON-CRICK ? ? ? 
hydrog24 hydrog ? ? A DC 11 N3 ? ? ? 1_555 B DG 2  N1 ? ? A DC 11 B DG 14 1_555 ? ? ? ? ? ? WATSON-CRICK ? ? ? 
hydrog25 hydrog ? ? A DC 11 N4 ? ? ? 1_555 B DG 2  O6 ? ? A DC 11 B DG 14 1_555 ? ? ? ? ? ? WATSON-CRICK ? ? ? 
hydrog26 hydrog ? ? A DC 11 O2 ? ? ? 1_555 B DG 2  N2 ? ? A DC 11 B DG 14 1_555 ? ? ? ? ? ? WATSON-CRICK ? ? ? 
hydrog27 hydrog ? ? A DG 12 N1 ? ? ? 1_555 B DC 1  N3 ? ? A DG 12 B DC 13 1_555 ? ? ? ? ? ? WATSON-CRICK ? ? ? 
hydrog28 hydrog ? ? A DG 12 N2 ? ? ? 1_555 B DC 1  O2 ? ? A DG 12 B DC 13 1_555 ? ? ? ? ? ? WATSON-CRICK ? ? ? 
hydrog29 hydrog ? ? A DG 12 O6 ? ? ? 1_555 B DC 1  N4 ? ? A DG 12 B DC 13 1_555 ? ? ? ? ? ? WATSON-CRICK ? ? ? 
# 
_struct_conn_type.id          hydrog 
_struct_conn_type.criteria    ? 
_struct_conn_type.reference   ? 
# 
loop_
_pdbx_validate_rmsd_bond.id 
_pdbx_validate_rmsd_bond.PDB_model_num 
_pdbx_validate_rmsd_bond.auth_atom_id_1 
_pdbx_validate_rmsd_bond.auth_asym_id_1 
_pdbx_validate_rmsd_bond.auth_comp_id_1 
_pdbx_validate_rmsd_bond.auth_seq_id_1 
_pdbx_validate_rmsd_bond.PDB_ins_code_1 
_pdbx_validate_rmsd_bond.label_alt_id_1 
_pdbx_validate_rmsd_bond.auth_atom_id_2 
_pdbx_validate_rmsd_bond.auth_asym_id_2 
_pdbx_validate_rmsd_bond.auth_comp_id_2 
_pdbx_validate_rmsd_bond.auth_seq_id_2 
_pdbx_validate_rmsd_bond.PDB_ins_code_2 
_pdbx_validate_rmsd_bond.label_alt_id_2 
_pdbx_validate_rmsd_bond.bond_value 
_pdbx_validate_rmsd_bond.bond_target_value 
_pdbx_validate_rmsd_bond.bond_deviation 
_pdbx_validate_rmsd_bond.bond_standard_deviation 
_pdbx_validate_rmsd_bond.linker_flag 
1  1 "O4'" A DA 6  ? ? "C4'" A DA 6  ? ? 1.380 1.446 -0.066 0.010 N 
2  1 "O4'" A DT 7  ? ? "C1'" A DT 7  ? ? 1.493 1.420 0.073  0.011 N 
3  1 "O4'" A DA 8  ? ? "C1'" A DA 8  ? ? 1.520 1.420 0.100  0.011 N 
4  1 "C2'" B DG 14 ? ? "C1'" B DG 14 ? ? 1.579 1.519 0.060  0.010 N 
5  1 "C2'" B DT 17 ? ? "C1'" B DT 17 ? ? 1.585 1.519 0.066  0.010 N 
6  1 "O4'" B DA 18 ? ? "C4'" B DA 18 ? ? 1.376 1.446 -0.070 0.010 N 
7  1 "O4'" B DA 20 ? ? "C4'" B DA 20 ? ? 1.385 1.446 -0.061 0.010 N 
8  1 "O4'" B DT 21 ? ? "C4'" B DT 21 ? ? 1.372 1.446 -0.074 0.010 N 
9  1 C4    B DT 21 ? ? O4    B DT 21 ? ? 1.284 1.228 0.056  0.009 N 
10 1 P     B DG 22 ? ? "O5'" B DG 22 ? ? 1.659 1.593 0.066  0.010 N 
11 1 "O4'" B DG 24 ? ? "C4'" B DG 24 ? ? 1.382 1.446 -0.064 0.010 N 
# 
loop_
_pdbx_validate_rmsd_angle.id 
_pdbx_validate_rmsd_angle.PDB_model_num 
_pdbx_validate_rmsd_angle.auth_atom_id_1 
_pdbx_validate_rmsd_angle.auth_asym_id_1 
_pdbx_validate_rmsd_angle.auth_comp_id_1 
_pdbx_validate_rmsd_angle.auth_seq_id_1 
_pdbx_validate_rmsd_angle.PDB_ins_code_1 
_pdbx_validate_rmsd_angle.label_alt_id_1 
_pdbx_validate_rmsd_angle.auth_atom_id_2 
_pdbx_validate_rmsd_angle.auth_asym_id_2 
_pdbx_validate_rmsd_angle.auth_comp_id_2 
_pdbx_validate_rmsd_angle.auth_seq_id_2 
_pdbx_validate_rmsd_angle.PDB_ins_code_2 
_pdbx_validate_rmsd_angle.label_alt_id_2 
_pdbx_validate_rmsd_angle.auth_atom_id_3 
_pdbx_validate_rmsd_angle.auth_asym_id_3 
_pdbx_validate_rmsd_angle.auth_comp_id_3 
_pdbx_validate_rmsd_angle.auth_seq_id_3 
_pdbx_validate_rmsd_angle.PDB_ins_code_3 
_pdbx_validate_rmsd_angle.label_alt_id_3 
_pdbx_validate_rmsd_angle.angle_value 
_pdbx_validate_rmsd_angle.angle_target_value 
_pdbx_validate_rmsd_angle.angle_deviation 
_pdbx_validate_rmsd_angle.angle_standard_deviation 
_pdbx_validate_rmsd_angle.linker_flag 
1  1 "C3'" A DC 1  ? ? "O3'" A DC 1  ? ? P     A DG 2  ? ? 130.89 119.70 11.19  1.20 Y 
2  1 "O3'" A DC 1  ? ? P     A DG 2  ? ? OP2   A DG 2  ? ? 117.21 110.50 6.71   1.10 Y 
3  1 OP1   A DG 2  ? ? P     A DG 2  ? ? OP2   A DG 2  ? ? 110.05 119.60 -9.55  1.50 N 
4  1 "O4'" A DG 2  ? ? "C1'" A DG 2  ? ? N9    A DG 2  ? ? 115.63 108.30 7.33   0.30 N 
5  1 C5    A DG 2  ? ? C6    A DG 2  ? ? N1    A DG 2  ? ? 115.11 111.50 3.61   0.50 N 
6  1 OP1   A DC 3  ? ? P     A DC 3  ? ? OP2   A DC 3  ? ? 108.97 119.60 -10.63 1.50 N 
7  1 "O5'" A DC 3  ? ? P     A DC 3  ? ? OP1   A DC 3  ? ? 119.24 110.70 8.54   1.20 N 
8  1 "O4'" A DC 3  ? ? "C1'" A DC 3  ? ? N1    A DC 3  ? ? 116.07 108.30 7.77   0.30 N 
9  1 "O5'" A DA 4  ? ? "C5'" A DA 4  ? ? "C4'" A DA 4  ? ? 103.14 109.40 -6.26  0.80 N 
10 1 "O4'" A DA 4  ? ? "C1'" A DA 4  ? ? N9    A DA 4  ? ? 114.66 108.30 6.36   0.30 N 
11 1 "O4'" A DT 5  ? ? "C1'" A DT 5  ? ? N1    A DT 5  ? ? 112.86 108.30 4.56   0.30 N 
12 1 C2    A DT 5  ? ? N3    A DT 5  ? ? C4    A DT 5  ? ? 122.77 127.20 -4.43  0.60 N 
13 1 N3    A DT 5  ? ? C4    A DT 5  ? ? C5    A DT 5  ? ? 119.95 115.20 4.75   0.60 N 
14 1 C4    A DT 5  ? ? C5    A DT 5  ? ? C7    A DT 5  ? ? 122.98 119.00 3.98   0.60 N 
15 1 "O5'" A DA 6  ? ? "C5'" A DA 6  ? ? "C4'" A DA 6  ? ? 97.59  109.40 -11.81 0.80 N 
16 1 P     A DA 6  ? ? "O5'" A DA 6  ? ? "C5'" A DA 6  ? ? 109.38 120.90 -11.52 1.60 N 
17 1 "O4'" A DA 6  ? ? "C1'" A DA 6  ? ? N9    A DA 6  ? ? 110.88 108.30 2.58   0.30 N 
18 1 C6    A DA 6  ? ? N1    A DA 6  ? ? C2    A DA 6  ? ? 122.93 118.60 4.33   0.60 N 
19 1 N1    A DA 6  ? ? C2    A DA 6  ? ? N3    A DA 6  ? ? 126.08 129.30 -3.22  0.50 N 
20 1 C5    A DA 6  ? ? C6    A DA 6  ? ? N1    A DA 6  ? ? 114.25 117.70 -3.45  0.50 N 
21 1 N1    A DA 6  ? ? C6    A DA 6  ? ? N6    A DA 6  ? ? 123.18 118.60 4.58   0.60 N 
22 1 "O5'" A DT 7  ? ? P     A DT 7  ? ? OP1   A DT 7  ? ? 118.88 110.70 8.18   1.20 N 
23 1 P     A DT 7  ? ? "O5'" A DT 7  ? ? "C5'" A DT 7  ? ? 134.87 120.90 13.97  1.60 N 
24 1 "C1'" A DT 7  ? ? "O4'" A DT 7  ? ? "C4'" A DT 7  ? ? 103.77 110.10 -6.33  1.00 N 
25 1 C2    A DT 7  ? ? N3    A DT 7  ? ? C4    A DT 7  ? ? 121.90 127.20 -5.30  0.60 N 
26 1 N3    A DT 7  ? ? C4    A DT 7  ? ? C5    A DT 7  ? ? 120.01 115.20 4.81   0.60 N 
27 1 "C3'" A DT 7  ? ? "O3'" A DT 7  ? ? P     A DA 8  ? ? 137.40 119.70 17.70  1.20 Y 
28 1 OP1   A DA 8  ? ? P     A DA 8  ? ? OP2   A DA 8  ? ? 108.81 119.60 -10.79 1.50 N 
29 1 "O5'" A DA 8  ? ? "C5'" A DA 8  ? ? "C4'" A DA 8  ? ? 104.19 109.40 -5.21  0.80 N 
30 1 "O4'" A DA 8  ? ? "C1'" A DA 8  ? ? N9    A DA 8  ? ? 102.75 108.00 -5.25  0.70 N 
31 1 C6    A DA 8  ? ? N1    A DA 8  ? ? C2    A DA 8  ? ? 122.40 118.60 3.80   0.60 N 
32 1 N1    A DA 8  ? ? C2    A DA 8  ? ? N3    A DA 8  ? ? 125.42 129.30 -3.88  0.50 N 
33 1 "O5'" A DT 9  ? ? P     A DT 9  ? ? OP1   A DT 9  ? ? 120.27 110.70 9.57   1.20 N 
34 1 P     A DT 9  ? ? "O5'" A DT 9  ? ? "C5'" A DT 9  ? ? 108.28 120.90 -12.62 1.60 N 
35 1 C2    A DT 9  ? ? N3    A DT 9  ? ? C4    A DT 9  ? ? 122.60 127.20 -4.60  0.60 N 
36 1 N3    A DT 9  ? ? C4    A DT 9  ? ? C5    A DT 9  ? ? 118.89 115.20 3.69   0.60 N 
37 1 P     A DG 10 ? ? "O5'" A DG 10 ? ? "C5'" A DG 10 ? ? 107.07 120.90 -13.83 1.60 N 
38 1 "O4'" A DG 10 ? ? "C4'" A DG 10 ? ? "C3'" A DG 10 ? ? 101.54 104.50 -2.96  0.40 N 
39 1 "C4'" A DG 10 ? ? "C3'" A DG 10 ? ? "C2'" A DG 10 ? ? 97.90  102.20 -4.30  0.70 N 
40 1 "C3'" A DG 10 ? ? "C2'" A DG 10 ? ? "C1'" A DG 10 ? ? 97.06  102.40 -5.34  0.80 N 
41 1 "O4'" A DG 10 ? ? "C1'" A DG 10 ? ? N9    A DG 10 ? ? 110.54 108.30 2.24   0.30 N 
42 1 C5    A DG 10 ? ? C6    A DG 10 ? ? N1    A DG 10 ? ? 115.44 111.50 3.94   0.50 N 
43 1 "C3'" A DG 10 ? ? "O3'" A DG 10 ? ? P     A DC 11 ? ? 129.60 119.70 9.90   1.20 Y 
44 1 "O5'" A DC 11 ? ? "C5'" A DC 11 ? ? "C4'" A DC 11 ? ? 103.96 109.40 -5.44  0.80 N 
45 1 "O5'" A DG 12 ? ? P     A DG 12 ? ? OP1   A DG 12 ? ? 120.67 110.70 9.97   1.20 N 
46 1 "O5'" A DG 12 ? ? "C5'" A DG 12 ? ? "C4'" A DG 12 ? ? 102.56 109.40 -6.84  0.80 N 
47 1 "O4'" B DC 13 ? ? "C1'" B DC 13 ? ? N1    B DC 13 ? ? 110.33 108.30 2.03   0.30 N 
48 1 "C3'" B DC 13 ? ? "O3'" B DC 13 ? ? P     B DG 14 ? ? 137.84 119.70 18.14  1.20 Y 
49 1 OP1   B DG 14 ? ? P     B DG 14 ? ? OP2   B DG 14 ? ? 109.85 119.60 -9.75  1.50 N 
50 1 "O5'" B DG 14 ? ? "C5'" B DG 14 ? ? "C4'" B DG 14 ? ? 101.94 109.40 -7.46  0.80 N 
51 1 "C4'" B DG 14 ? ? "C3'" B DG 14 ? ? "C2'" B DG 14 ? ? 96.57  102.20 -5.63  0.70 N 
52 1 "C3'" B DG 14 ? ? "C2'" B DG 14 ? ? "C1'" B DG 14 ? ? 92.89  102.40 -9.51  0.80 N 
53 1 "O4'" B DG 14 ? ? "C1'" B DG 14 ? ? N9    B DG 14 ? ? 116.53 108.30 8.23   0.30 N 
54 1 "O5'" B DC 15 ? ? "C5'" B DC 15 ? ? "C4'" B DC 15 ? ? 101.06 109.40 -8.34  0.80 N 
55 1 P     B DC 15 ? ? "O5'" B DC 15 ? ? "C5'" B DC 15 ? ? 108.54 120.90 -12.36 1.60 N 
56 1 "C3'" B DC 15 ? ? "O3'" B DC 15 ? ? P     B DA 16 ? ? 129.18 119.70 9.48   1.20 Y 
57 1 "O4'" B DA 16 ? ? "C1'" B DA 16 ? ? N9    B DA 16 ? ? 112.06 108.30 3.76   0.30 N 
58 1 "O5'" B DT 17 ? ? "C5'" B DT 17 ? ? "C4'" B DT 17 ? ? 100.87 109.40 -8.53  0.80 N 
59 1 P     B DT 17 ? ? "O5'" B DT 17 ? ? "C5'" B DT 17 ? ? 109.69 120.90 -11.21 1.60 N 
60 1 "C3'" B DT 17 ? ? "C2'" B DT 17 ? ? "C1'" B DT 17 ? ? 91.40  102.40 -11.00 0.80 N 
61 1 "O4'" B DT 17 ? ? "C1'" B DT 17 ? ? "C2'" B DT 17 ? ? 99.38  105.90 -6.52  0.80 N 
62 1 "O4'" B DT 17 ? ? "C1'" B DT 17 ? ? N1    B DT 17 ? ? 119.32 108.30 11.02  0.30 N 
63 1 N1    B DT 17 ? ? C2    B DT 17 ? ? N3    B DT 17 ? ? 118.25 114.60 3.65   0.60 N 
64 1 C2    B DT 17 ? ? N3    B DT 17 ? ? C4    B DT 17 ? ? 121.89 127.20 -5.31  0.60 N 
65 1 N3    B DT 17 ? ? C4    B DT 17 ? ? C5    B DT 17 ? ? 119.80 115.20 4.60   0.60 N 
66 1 N3    B DT 17 ? ? C4    B DT 17 ? ? O4    B DT 17 ? ? 115.32 119.90 -4.58  0.60 N 
67 1 "O5'" B DA 18 ? ? "C5'" B DA 18 ? ? "C4'" B DA 18 ? ? 102.55 109.40 -6.85  0.80 N 
68 1 P     B DA 18 ? ? "O5'" B DA 18 ? ? "C5'" B DA 18 ? ? 110.20 120.90 -10.70 1.60 N 
69 1 "O4'" B DA 18 ? ? "C1'" B DA 18 ? ? N9    B DA 18 ? ? 111.29 108.30 2.99   0.30 N 
70 1 N1    B DA 18 ? ? C2    B DA 18 ? ? N3    B DA 18 ? ? 125.79 129.30 -3.51  0.50 N 
71 1 "O5'" B DT 19 ? ? "C5'" B DT 19 ? ? "C4'" B DT 19 ? ? 99.03  109.40 -10.37 0.80 N 
72 1 P     B DT 19 ? ? "O5'" B DT 19 ? ? "C5'" B DT 19 ? ? 110.19 120.90 -10.71 1.60 N 
73 1 C2    B DT 19 ? ? N3    B DT 19 ? ? C4    B DT 19 ? ? 122.90 127.20 -4.30  0.60 N 
74 1 "C3'" B DT 19 ? ? "O3'" B DT 19 ? ? P     B DA 20 ? ? 128.95 119.70 9.25   1.20 Y 
75 1 OP1   B DA 20 ? ? P     B DA 20 ? ? OP2   B DA 20 ? ? 109.49 119.60 -10.11 1.50 N 
76 1 "O4'" B DA 20 ? ? "C1'" B DA 20 ? ? N9    B DA 20 ? ? 111.96 108.30 3.66   0.30 N 
77 1 N1    B DA 20 ? ? C2    B DA 20 ? ? N3    B DA 20 ? ? 125.66 129.30 -3.64  0.50 N 
78 1 "O5'" B DT 21 ? ? "C5'" B DT 21 ? ? "C4'" B DT 21 ? ? 97.65  109.40 -11.75 0.80 N 
79 1 C2    B DT 21 ? ? N3    B DT 21 ? ? C4    B DT 21 ? ? 122.07 127.20 -5.13  0.60 N 
80 1 N3    B DT 21 ? ? C4    B DT 21 ? ? C5    B DT 21 ? ? 119.91 115.20 4.71   0.60 N 
81 1 "C3'" B DT 21 ? ? "O3'" B DT 21 ? ? P     B DG 22 ? ? 130.28 119.70 10.58  1.20 Y 
82 1 P     B DG 22 ? ? "O5'" B DG 22 ? ? "C5'" B DG 22 ? ? 102.44 120.90 -18.46 1.60 N 
83 1 "O4'" B DG 22 ? ? "C1'" B DG 22 ? ? N9    B DG 22 ? ? 110.37 108.30 2.07   0.30 N 
84 1 "O5'" B DC 23 ? ? "C5'" B DC 23 ? ? "C4'" B DC 23 ? ? 103.04 109.40 -6.36  0.80 N 
85 1 P     B DC 23 ? ? "O5'" B DC 23 ? ? "C5'" B DC 23 ? ? 110.84 120.90 -10.06 1.60 N 
86 1 "O4'" B DC 23 ? ? "C1'" B DC 23 ? ? N1    B DC 23 ? ? 113.44 108.30 5.14   0.30 N 
# 
loop_
_refine_B_iso.class 
_refine_B_iso.details 
_refine_B_iso.treatment 
_refine_B_iso.pdbx_refine_id 
'ALL ATOMS'  TR isotropic 'X-RAY DIFFRACTION' 
'ALL WATERS' TR isotropic 'X-RAY DIFFRACTION' 
# 
loop_
_refine_occupancy.class 
_refine_occupancy.treatment 
_refine_occupancy.pdbx_refine_id 
'ALL ATOMS'  fix 'X-RAY DIFFRACTION' 
'ALL WATERS' fix 'X-RAY DIFFRACTION' 
# 
loop_
_chem_comp_atom.comp_id 
_chem_comp_atom.atom_id 
_chem_comp_atom.type_symbol 
_chem_comp_atom.pdbx_aromatic_flag 
_chem_comp_atom.pdbx_stereo_config 
_chem_comp_atom.pdbx_ordinal 
DA  OP3    O N N 1   
DA  P      P N N 2   
DA  OP1    O N N 3   
DA  OP2    O N N 4   
DA  "O5'"  O N N 5   
DA  "C5'"  C N N 6   
DA  "C4'"  C N R 7   
DA  "O4'"  O N N 8   
DA  "C3'"  C N S 9   
DA  "O3'"  O N N 10  
DA  "C2'"  C N N 11  
DA  "C1'"  C N R 12  
DA  N9     N Y N 13  
DA  C8     C Y N 14  
DA  N7     N Y N 15  
DA  C5     C Y N 16  
DA  C6     C Y N 17  
DA  N6     N N N 18  
DA  N1     N Y N 19  
DA  C2     C Y N 20  
DA  N3     N Y N 21  
DA  C4     C Y N 22  
DA  HOP3   H N N 23  
DA  HOP2   H N N 24  
DA  "H5'"  H N N 25  
DA  "H5''" H N N 26  
DA  "H4'"  H N N 27  
DA  "H3'"  H N N 28  
DA  "HO3'" H N N 29  
DA  "H2'"  H N N 30  
DA  "H2''" H N N 31  
DA  "H1'"  H N N 32  
DA  H8     H N N 33  
DA  H61    H N N 34  
DA  H62    H N N 35  
DA  H2     H N N 36  
DC  OP3    O N N 37  
DC  P      P N N 38  
DC  OP1    O N N 39  
DC  OP2    O N N 40  
DC  "O5'"  O N N 41  
DC  "C5'"  C N N 42  
DC  "C4'"  C N R 43  
DC  "O4'"  O N N 44  
DC  "C3'"  C N S 45  
DC  "O3'"  O N N 46  
DC  "C2'"  C N N 47  
DC  "C1'"  C N R 48  
DC  N1     N N N 49  
DC  C2     C N N 50  
DC  O2     O N N 51  
DC  N3     N N N 52  
DC  C4     C N N 53  
DC  N4     N N N 54  
DC  C5     C N N 55  
DC  C6     C N N 56  
DC  HOP3   H N N 57  
DC  HOP2   H N N 58  
DC  "H5'"  H N N 59  
DC  "H5''" H N N 60  
DC  "H4'"  H N N 61  
DC  "H3'"  H N N 62  
DC  "HO3'" H N N 63  
DC  "H2'"  H N N 64  
DC  "H2''" H N N 65  
DC  "H1'"  H N N 66  
DC  H41    H N N 67  
DC  H42    H N N 68  
DC  H5     H N N 69  
DC  H6     H N N 70  
DG  OP3    O N N 71  
DG  P      P N N 72  
DG  OP1    O N N 73  
DG  OP2    O N N 74  
DG  "O5'"  O N N 75  
DG  "C5'"  C N N 76  
DG  "C4'"  C N R 77  
DG  "O4'"  O N N 78  
DG  "C3'"  C N S 79  
DG  "O3'"  O N N 80  
DG  "C2'"  C N N 81  
DG  "C1'"  C N R 82  
DG  N9     N Y N 83  
DG  C8     C Y N 84  
DG  N7     N Y N 85  
DG  C5     C Y N 86  
DG  C6     C N N 87  
DG  O6     O N N 88  
DG  N1     N N N 89  
DG  C2     C N N 90  
DG  N2     N N N 91  
DG  N3     N N N 92  
DG  C4     C Y N 93  
DG  HOP3   H N N 94  
DG  HOP2   H N N 95  
DG  "H5'"  H N N 96  
DG  "H5''" H N N 97  
DG  "H4'"  H N N 98  
DG  "H3'"  H N N 99  
DG  "HO3'" H N N 100 
DG  "H2'"  H N N 101 
DG  "H2''" H N N 102 
DG  "H1'"  H N N 103 
DG  H8     H N N 104 
DG  H1     H N N 105 
DG  H21    H N N 106 
DG  H22    H N N 107 
DT  OP3    O N N 108 
DT  P      P N N 109 
DT  OP1    O N N 110 
DT  OP2    O N N 111 
DT  "O5'"  O N N 112 
DT  "C5'"  C N N 113 
DT  "C4'"  C N R 114 
DT  "O4'"  O N N 115 
DT  "C3'"  C N S 116 
DT  "O3'"  O N N 117 
DT  "C2'"  C N N 118 
DT  "C1'"  C N R 119 
DT  N1     N N N 120 
DT  C2     C N N 121 
DT  O2     O N N 122 
DT  N3     N N N 123 
DT  C4     C N N 124 
DT  O4     O N N 125 
DT  C5     C N N 126 
DT  C7     C N N 127 
DT  C6     C N N 128 
DT  HOP3   H N N 129 
DT  HOP2   H N N 130 
DT  "H5'"  H N N 131 
DT  "H5''" H N N 132 
DT  "H4'"  H N N 133 
DT  "H3'"  H N N 134 
DT  "HO3'" H N N 135 
DT  "H2'"  H N N 136 
DT  "H2''" H N N 137 
DT  "H1'"  H N N 138 
DT  H3     H N N 139 
DT  H71    H N N 140 
DT  H72    H N N 141 
DT  H73    H N N 142 
DT  H6     H N N 143 
HOH O      O N N 144 
HOH H1     H N N 145 
HOH H2     H N N 146 
# 
loop_
_chem_comp_bond.comp_id 
_chem_comp_bond.atom_id_1 
_chem_comp_bond.atom_id_2 
_chem_comp_bond.value_order 
_chem_comp_bond.pdbx_aromatic_flag 
_chem_comp_bond.pdbx_stereo_config 
_chem_comp_bond.pdbx_ordinal 
DA  OP3   P      sing N N 1   
DA  OP3   HOP3   sing N N 2   
DA  P     OP1    doub N N 3   
DA  P     OP2    sing N N 4   
DA  P     "O5'"  sing N N 5   
DA  OP2   HOP2   sing N N 6   
DA  "O5'" "C5'"  sing N N 7   
DA  "C5'" "C4'"  sing N N 8   
DA  "C5'" "H5'"  sing N N 9   
DA  "C5'" "H5''" sing N N 10  
DA  "C4'" "O4'"  sing N N 11  
DA  "C4'" "C3'"  sing N N 12  
DA  "C4'" "H4'"  sing N N 13  
DA  "O4'" "C1'"  sing N N 14  
DA  "C3'" "O3'"  sing N N 15  
DA  "C3'" "C2'"  sing N N 16  
DA  "C3'" "H3'"  sing N N 17  
DA  "O3'" "HO3'" sing N N 18  
DA  "C2'" "C1'"  sing N N 19  
DA  "C2'" "H2'"  sing N N 20  
DA  "C2'" "H2''" sing N N 21  
DA  "C1'" N9     sing N N 22  
DA  "C1'" "H1'"  sing N N 23  
DA  N9    C8     sing Y N 24  
DA  N9    C4     sing Y N 25  
DA  C8    N7     doub Y N 26  
DA  C8    H8     sing N N 27  
DA  N7    C5     sing Y N 28  
DA  C5    C6     sing Y N 29  
DA  C5    C4     doub Y N 30  
DA  C6    N6     sing N N 31  
DA  C6    N1     doub Y N 32  
DA  N6    H61    sing N N 33  
DA  N6    H62    sing N N 34  
DA  N1    C2     sing Y N 35  
DA  C2    N3     doub Y N 36  
DA  C2    H2     sing N N 37  
DA  N3    C4     sing Y N 38  
DC  OP3   P      sing N N 39  
DC  OP3   HOP3   sing N N 40  
DC  P     OP1    doub N N 41  
DC  P     OP2    sing N N 42  
DC  P     "O5'"  sing N N 43  
DC  OP2   HOP2   sing N N 44  
DC  "O5'" "C5'"  sing N N 45  
DC  "C5'" "C4'"  sing N N 46  
DC  "C5'" "H5'"  sing N N 47  
DC  "C5'" "H5''" sing N N 48  
DC  "C4'" "O4'"  sing N N 49  
DC  "C4'" "C3'"  sing N N 50  
DC  "C4'" "H4'"  sing N N 51  
DC  "O4'" "C1'"  sing N N 52  
DC  "C3'" "O3'"  sing N N 53  
DC  "C3'" "C2'"  sing N N 54  
DC  "C3'" "H3'"  sing N N 55  
DC  "O3'" "HO3'" sing N N 56  
DC  "C2'" "C1'"  sing N N 57  
DC  "C2'" "H2'"  sing N N 58  
DC  "C2'" "H2''" sing N N 59  
DC  "C1'" N1     sing N N 60  
DC  "C1'" "H1'"  sing N N 61  
DC  N1    C2     sing N N 62  
DC  N1    C6     sing N N 63  
DC  C2    O2     doub N N 64  
DC  C2    N3     sing N N 65  
DC  N3    C4     doub N N 66  
DC  C4    N4     sing N N 67  
DC  C4    C5     sing N N 68  
DC  N4    H41    sing N N 69  
DC  N4    H42    sing N N 70  
DC  C5    C6     doub N N 71  
DC  C5    H5     sing N N 72  
DC  C6    H6     sing N N 73  
DG  OP3   P      sing N N 74  
DG  OP3   HOP3   sing N N 75  
DG  P     OP1    doub N N 76  
DG  P     OP2    sing N N 77  
DG  P     "O5'"  sing N N 78  
DG  OP2   HOP2   sing N N 79  
DG  "O5'" "C5'"  sing N N 80  
DG  "C5'" "C4'"  sing N N 81  
DG  "C5'" "H5'"  sing N N 82  
DG  "C5'" "H5''" sing N N 83  
DG  "C4'" "O4'"  sing N N 84  
DG  "C4'" "C3'"  sing N N 85  
DG  "C4'" "H4'"  sing N N 86  
DG  "O4'" "C1'"  sing N N 87  
DG  "C3'" "O3'"  sing N N 88  
DG  "C3'" "C2'"  sing N N 89  
DG  "C3'" "H3'"  sing N N 90  
DG  "O3'" "HO3'" sing N N 91  
DG  "C2'" "C1'"  sing N N 92  
DG  "C2'" "H2'"  sing N N 93  
DG  "C2'" "H2''" sing N N 94  
DG  "C1'" N9     sing N N 95  
DG  "C1'" "H1'"  sing N N 96  
DG  N9    C8     sing Y N 97  
DG  N9    C4     sing Y N 98  
DG  C8    N7     doub Y N 99  
DG  C8    H8     sing N N 100 
DG  N7    C5     sing Y N 101 
DG  C5    C6     sing N N 102 
DG  C5    C4     doub Y N 103 
DG  C6    O6     doub N N 104 
DG  C6    N1     sing N N 105 
DG  N1    C2     sing N N 106 
DG  N1    H1     sing N N 107 
DG  C2    N2     sing N N 108 
DG  C2    N3     doub N N 109 
DG  N2    H21    sing N N 110 
DG  N2    H22    sing N N 111 
DG  N3    C4     sing N N 112 
DT  OP3   P      sing N N 113 
DT  OP3   HOP3   sing N N 114 
DT  P     OP1    doub N N 115 
DT  P     OP2    sing N N 116 
DT  P     "O5'"  sing N N 117 
DT  OP2   HOP2   sing N N 118 
DT  "O5'" "C5'"  sing N N 119 
DT  "C5'" "C4'"  sing N N 120 
DT  "C5'" "H5'"  sing N N 121 
DT  "C5'" "H5''" sing N N 122 
DT  "C4'" "O4'"  sing N N 123 
DT  "C4'" "C3'"  sing N N 124 
DT  "C4'" "H4'"  sing N N 125 
DT  "O4'" "C1'"  sing N N 126 
DT  "C3'" "O3'"  sing N N 127 
DT  "C3'" "C2'"  sing N N 128 
DT  "C3'" "H3'"  sing N N 129 
DT  "O3'" "HO3'" sing N N 130 
DT  "C2'" "C1'"  sing N N 131 
DT  "C2'" "H2'"  sing N N 132 
DT  "C2'" "H2''" sing N N 133 
DT  "C1'" N1     sing N N 134 
DT  "C1'" "H1'"  sing N N 135 
DT  N1    C2     sing N N 136 
DT  N1    C6     sing N N 137 
DT  C2    O2     doub N N 138 
DT  C2    N3     sing N N 139 
DT  N3    C4     sing N N 140 
DT  N3    H3     sing N N 141 
DT  C4    O4     doub N N 142 
DT  C4    C5     sing N N 143 
DT  C5    C7     sing N N 144 
DT  C5    C6     doub N N 145 
DT  C7    H71    sing N N 146 
DT  C7    H72    sing N N 147 
DT  C7    H73    sing N N 148 
DT  C6    H6     sing N N 149 
HOH O     H1     sing N N 150 
HOH O     H2     sing N N 151 
# 
loop_
_ndb_struct_conf_na.entry_id 
_ndb_struct_conf_na.feature 
1DN9 'double helix'        
1DN9 'b-form double helix' 
# 
loop_
_ndb_struct_na_base_pair.model_number 
_ndb_struct_na_base_pair.i_label_asym_id 
_ndb_struct_na_base_pair.i_label_comp_id 
_ndb_struct_na_base_pair.i_label_seq_id 
_ndb_struct_na_base_pair.i_symmetry 
_ndb_struct_na_base_pair.j_label_asym_id 
_ndb_struct_na_base_pair.j_label_comp_id 
_ndb_struct_na_base_pair.j_label_seq_id 
_ndb_struct_na_base_pair.j_symmetry 
_ndb_struct_na_base_pair.shear 
_ndb_struct_na_base_pair.stretch 
_ndb_struct_na_base_pair.stagger 
_ndb_struct_na_base_pair.buckle 
_ndb_struct_na_base_pair.propeller 
_ndb_struct_na_base_pair.opening 
_ndb_struct_na_base_pair.pair_number 
_ndb_struct_na_base_pair.pair_name 
_ndb_struct_na_base_pair.i_auth_asym_id 
_ndb_struct_na_base_pair.i_auth_seq_id 
_ndb_struct_na_base_pair.i_PDB_ins_code 
_ndb_struct_na_base_pair.j_auth_asym_id 
_ndb_struct_na_base_pair.j_auth_seq_id 
_ndb_struct_na_base_pair.j_PDB_ins_code 
_ndb_struct_na_base_pair.hbond_type_28 
_ndb_struct_na_base_pair.hbond_type_12 
1 A DC 1  1_555 B DG 12 1_555 1.025  -0.310 -0.237 17.875  -10.719 -1.353 1  A_DC1:DG24_B  A 1  ? B 24 ? 19 1 
1 A DG 2  1_555 B DC 11 1_555 -0.557 -0.127 0.270  -2.362  -6.328  3.073  2  A_DG2:DC23_B  A 2  ? B 23 ? 19 1 
1 A DC 3  1_555 B DG 10 1_555 -0.174 -0.383 0.233  -5.098  -7.720  1.697  3  A_DC3:DG22_B  A 3  ? B 22 ? 19 1 
1 A DA 4  1_555 B DT 9  1_555 -0.547 -0.486 0.024  3.316   -7.976  3.993  4  A_DA4:DT21_B  A 4  ? B 21 ? 20 1 
1 A DT 5  1_555 B DA 8  1_555 -0.305 -0.335 0.663  6.345   -8.497  4.620  5  A_DT5:DA20_B  A 5  ? B 20 ? 20 1 
1 A DA 6  1_555 B DT 7  1_555 -1.231 0.012  0.187  -14.030 -18.350 -1.404 6  A_DA6:DT19_B  A 6  ? B 19 ? 20 1 
1 A DT 7  1_555 B DA 6  1_555 -0.466 0.029  0.366  -3.245  -12.422 15.061 7  A_DT7:DA18_B  A 7  ? B 18 ? ?  1 
1 A DA 8  1_555 B DT 5  1_555 -0.122 -0.421 -0.105 -8.405  -19.634 -1.713 8  A_DA8:DT17_B  A 8  ? B 17 ? 20 1 
1 A DT 9  1_555 B DA 4  1_555 0.408  -0.270 0.114  -2.459  -20.988 4.292  9  A_DT9:DA16_B  A 9  ? B 16 ? 20 1 
1 A DG 10 1_555 B DC 3  1_555 -0.985 -0.551 0.168  1.558   -8.892  -0.209 10 A_DG10:DC15_B A 10 ? B 15 ? 19 1 
1 A DC 11 1_555 B DG 2  1_555 0.614  -0.473 0.696  0.044   -23.293 -6.143 11 A_DC11:DG14_B A 11 ? B 14 ? 19 1 
1 A DG 12 1_555 B DC 1  1_555 0.343  -0.201 -0.664 7.043   22.732  -5.000 12 A_DG12:DC13_B A 12 ? B 13 ? 19 1 
# 
loop_
_ndb_struct_na_base_pair_step.model_number 
_ndb_struct_na_base_pair_step.i_label_asym_id_1 
_ndb_struct_na_base_pair_step.i_label_comp_id_1 
_ndb_struct_na_base_pair_step.i_label_seq_id_1 
_ndb_struct_na_base_pair_step.i_symmetry_1 
_ndb_struct_na_base_pair_step.j_label_asym_id_1 
_ndb_struct_na_base_pair_step.j_label_comp_id_1 
_ndb_struct_na_base_pair_step.j_label_seq_id_1 
_ndb_struct_na_base_pair_step.j_symmetry_1 
_ndb_struct_na_base_pair_step.i_label_asym_id_2 
_ndb_struct_na_base_pair_step.i_label_comp_id_2 
_ndb_struct_na_base_pair_step.i_label_seq_id_2 
_ndb_struct_na_base_pair_step.i_symmetry_2 
_ndb_struct_na_base_pair_step.j_label_asym_id_2 
_ndb_struct_na_base_pair_step.j_label_comp_id_2 
_ndb_struct_na_base_pair_step.j_label_seq_id_2 
_ndb_struct_na_base_pair_step.j_symmetry_2 
_ndb_struct_na_base_pair_step.shift 
_ndb_struct_na_base_pair_step.slide 
_ndb_struct_na_base_pair_step.rise 
_ndb_struct_na_base_pair_step.tilt 
_ndb_struct_na_base_pair_step.roll 
_ndb_struct_na_base_pair_step.twist 
_ndb_struct_na_base_pair_step.x_displacement 
_ndb_struct_na_base_pair_step.y_displacement 
_ndb_struct_na_base_pair_step.helical_rise 
_ndb_struct_na_base_pair_step.inclination 
_ndb_struct_na_base_pair_step.tip 
_ndb_struct_na_base_pair_step.helical_twist 
_ndb_struct_na_base_pair_step.step_number 
_ndb_struct_na_base_pair_step.step_name 
_ndb_struct_na_base_pair_step.i_auth_asym_id_1 
_ndb_struct_na_base_pair_step.i_auth_seq_id_1 
_ndb_struct_na_base_pair_step.i_PDB_ins_code_1 
_ndb_struct_na_base_pair_step.j_auth_asym_id_1 
_ndb_struct_na_base_pair_step.j_auth_seq_id_1 
_ndb_struct_na_base_pair_step.j_PDB_ins_code_1 
_ndb_struct_na_base_pair_step.i_auth_asym_id_2 
_ndb_struct_na_base_pair_step.i_auth_seq_id_2 
_ndb_struct_na_base_pair_step.i_PDB_ins_code_2 
_ndb_struct_na_base_pair_step.j_auth_asym_id_2 
_ndb_struct_na_base_pair_step.j_auth_seq_id_2 
_ndb_struct_na_base_pair_step.j_PDB_ins_code_2 
1 A DC 1  1_555 B DG 12 1_555 A DG 2  1_555 B DC 11 1_555 0.175  0.517  3.902 -0.411 6.640   31.357 -0.511 -0.407 3.924 12.115  
0.749   32.038 1  AA_DC1DG2:DC23DG24_BB   A 1  ? B 24 ? A 2  ? B 23 ? 
1 A DG 2  1_555 B DC 11 1_555 A DC 3  1_555 B DG 10 1_555 0.298  0.413  3.481 2.570  -3.384  37.885 1.087  -0.111 3.445 -5.193  
-3.944  38.114 2  AA_DG2DC3:DG22DC23_BB   A 2  ? B 23 ? A 3  ? B 22 ? 
1 A DC 3  1_555 B DG 10 1_555 A DA 4  1_555 B DT 9  1_555 0.268  0.543  3.167 0.952  5.399   33.495 0.079  -0.309 3.219 9.290   
-1.639  33.928 3  AA_DC3DA4:DT21DG22_BB   A 3  ? B 22 ? A 4  ? B 21 ? 
1 A DA 4  1_555 B DT 9  1_555 A DT 5  1_555 B DA 8  1_555 0.427  -0.510 3.301 -2.078 -0.582  33.332 -0.791 -1.090 3.277 -1.013  
3.618   33.400 4  AA_DA4DT5:DA20DT21_BB   A 4  ? B 21 ? A 5  ? B 20 ? 
1 A DT 5  1_555 B DA 8  1_555 A DA 6  1_555 B DT 7  1_555 -0.232 -0.773 3.637 7.263  -0.296  35.244 -1.205 1.522  3.527 -0.483  
-11.841 35.963 5  AA_DT5DA6:DT19DA20_BB   A 5  ? B 20 ? A 6  ? B 19 ? 
1 A DA 6  1_555 B DT 7  1_555 A DT 7  1_555 B DA 6  1_555 0.955  -0.650 3.000 -0.390 2.356   32.167 -1.551 -1.782 2.935 4.245   
0.703   32.253 6  AA_DA6DT7:DA18DT19_BB   A 6  ? B 19 ? A 7  ? B 18 ? 
1 A DT 7  1_555 B DA 6  1_555 A DA 8  1_555 B DT 5  1_555 -1.060 0.594  3.408 0.724  4.299   44.618 0.370  1.459  3.432 5.646   
-0.951  44.820 7  AA_DT7DA8:DT17DA18_BB   A 7  ? B 18 ? A 8  ? B 17 ? 
1 A DA 8  1_555 B DT 5  1_555 A DT 9  1_555 B DA 4  1_555 -0.201 -0.067 3.161 -0.797 -7.974  36.317 0.926  0.212  3.110 -12.604 
1.260   37.161 8  AA_DA8DT9:DA16DT17_BB   A 8  ? B 17 ? A 9  ? B 16 ? 
1 A DT 9  1_555 B DA 4  1_555 A DG 10 1_555 B DC 3  1_555 0.213  1.131  3.362 -3.708 9.680   24.258 -0.345 -1.549 3.479 21.804  
8.353   26.349 9  AA_DT9DG10:DC15DA16_BB  A 9  ? B 16 ? A 10 ? B 15 ? 
1 A DG 10 1_555 B DC 3  1_555 A DC 11 1_555 B DG 2  1_555 -1.338 0.868  3.721 -9.189 -20.997 48.885 2.451  0.830  3.306 -23.912 
10.465  53.691 10 AA_DG10DC11:DG14DC15_BB A 10 ? B 15 ? A 11 ? B 14 ? 
1 A DC 11 1_555 B DG 2  1_555 A DG 12 1_555 B DC 1  1_555 0.903  0.353  3.236 10.762 -10.006 34.793 1.869  0.024  3.155 -15.885 
-17.086 37.680 11 AA_DC11DG12:DC13DG14_BB A 11 ? B 14 ? A 12 ? B 13 ? 
# 
_atom_sites.entry_id                    1DN9 
_atom_sites.fract_transf_matrix[1][1]   -0.00159682 
_atom_sites.fract_transf_matrix[1][2]   -0.04235046 
_atom_sites.fract_transf_matrix[1][3]   -0.00291954 
_atom_sites.fract_transf_matrix[2][1]   -0.00391923 
_atom_sites.fract_transf_matrix[2][2]   0.00189617 
_atom_sites.fract_transf_matrix[2][3]   -0.02536201 
_atom_sites.fract_transf_matrix[3][1]   0.01483601 
_atom_sites.fract_transf_matrix[3][2]   -0.00039928 
_atom_sites.fract_transf_matrix[3][3]   -0.00232248 
_atom_sites.fract_transf_vector[1]      0.572786 
_atom_sites.fract_transf_vector[2]      0.524328 
_atom_sites.fract_transf_vector[3]      0.131112 
# 
loop_
_atom_type.symbol 
C 
N 
O 
P 
# 
loop_
_atom_site.group_PDB 
_atom_site.id 
_atom_site.type_symbol 
_atom_site.label_atom_id 
_atom_site.label_alt_id 
_atom_site.label_comp_id 
_atom_site.label_asym_id 
_atom_site.label_entity_id 
_atom_site.label_seq_id 
_atom_site.pdbx_PDB_ins_code 
_atom_site.Cartn_x 
_atom_site.Cartn_y 
_atom_site.Cartn_z 
_atom_site.occupancy 
_atom_site.B_iso_or_equiv 
_atom_site.pdbx_formal_charge 
_atom_site.auth_seq_id 
_atom_site.auth_comp_id 
_atom_site.auth_asym_id 
_atom_site.auth_atom_id 
_atom_site.pdbx_PDB_model_num 
ATOM   1   O "O5'" . DC  A 1 1  ? 13.387  -4.138  -15.128 1.00 12.78 ? 1  DC  A "O5'" 1 
ATOM   2   C "C5'" . DC  A 1 1  ? 13.496  -5.537  -14.748 1.00 12.92 ? 1  DC  A "C5'" 1 
ATOM   3   C "C4'" . DC  A 1 1  ? 13.245  -5.597  -13.244 1.00 11.75 ? 1  DC  A "C4'" 1 
ATOM   4   O "O4'" . DC  A 1 1  ? 14.109  -4.642  -12.619 1.00 11.16 ? 1  DC  A "O4'" 1 
ATOM   5   C "C3'" . DC  A 1 1  ? 11.875  -5.188  -12.761 1.00 13.93 ? 1  DC  A "C3'" 1 
ATOM   6   O "O3'" . DC  A 1 1  ? 10.892  -6.224  -12.750 1.00 16.82 ? 1  DC  A "O3'" 1 
ATOM   7   C "C2'" . DC  A 1 1  ? 12.145  -4.604  -11.359 1.00 10.89 ? 1  DC  A "C2'" 1 
ATOM   8   C "C1'" . DC  A 1 1  ? 13.619  -4.542  -11.247 1.00 9.93  ? 1  DC  A "C1'" 1 
ATOM   9   N N1    . DC  A 1 1  ? 14.112  -3.298  -10.643 1.00 8.52  ? 1  DC  A N1    1 
ATOM   10  C C2    . DC  A 1 1  ? 15.113  -3.426  -9.687  1.00 8.25  ? 1  DC  A C2    1 
ATOM   11  O O2    . DC  A 1 1  ? 15.530  -4.546  -9.374  1.00 10.33 ? 1  DC  A O2    1 
ATOM   12  N N3    . DC  A 1 1  ? 15.592  -2.298  -9.106  1.00 8.67  ? 1  DC  A N3    1 
ATOM   13  C C4    . DC  A 1 1  ? 15.132  -1.060  -9.458  1.00 8.59  ? 1  DC  A C4    1 
ATOM   14  N N4    . DC  A 1 1  ? 15.642  0.010   -8.838  1.00 7.74  ? 1  DC  A N4    1 
ATOM   15  C C5    . DC  A 1 1  ? 14.114  -0.935  -10.435 1.00 7.14  ? 1  DC  A C5    1 
ATOM   16  C C6    . DC  A 1 1  ? 13.659  -2.060  -10.993 1.00 9.02  ? 1  DC  A C6    1 
ATOM   17  P P     . DG  A 1 2  ? 10.909  -7.646  -12.094 1.00 20.44 ? 2  DG  A P     1 
ATOM   18  O OP1   . DG  A 1 2  ? 11.821  -8.434  -13.023 1.00 18.50 ? 2  DG  A OP1   1 
ATOM   19  O OP2   . DG  A 1 2  ? 9.599   -8.346  -11.947 1.00 17.12 ? 2  DG  A OP2   1 
ATOM   20  O "O5'" . DG  A 1 2  ? 11.602  -7.473  -10.630 1.00 17.48 ? 2  DG  A "O5'" 1 
ATOM   21  C "C5'" . DG  A 1 2  ? 12.496  -8.596  -10.316 1.00 16.40 ? 2  DG  A "C5'" 1 
ATOM   22  C "C4'" . DG  A 1 2  ? 12.205  -9.096  -8.944  1.00 15.81 ? 2  DG  A "C4'" 1 
ATOM   23  O "O4'" . DG  A 1 2  ? 12.663  -8.115  -8.003  1.00 13.59 ? 2  DG  A "O4'" 1 
ATOM   24  C "C3'" . DG  A 1 2  ? 10.759  -9.316  -8.501  1.00 15.15 ? 2  DG  A "C3'" 1 
ATOM   25  O "O3'" . DG  A 1 2  ? 10.679  -10.085 -7.288  1.00 17.46 ? 2  DG  A "O3'" 1 
ATOM   26  C "C2'" . DG  A 1 2  ? 10.346  -7.863  -8.336  1.00 14.33 ? 2  DG  A "C2'" 1 
ATOM   27  C "C1'" . DG  A 1 2  ? 11.577  -7.372  -7.531  1.00 13.50 ? 2  DG  A "C1'" 1 
ATOM   28  N N9    . DG  A 1 2  ? 11.685  -5.917  -7.692  1.00 13.11 ? 2  DG  A N9    1 
ATOM   29  C C8    . DG  A 1 2  ? 11.093  -5.105  -8.600  1.00 11.12 ? 2  DG  A C8    1 
ATOM   30  N N7    . DG  A 1 2  ? 11.325  -3.836  -8.419  1.00 12.30 ? 2  DG  A N7    1 
ATOM   31  C C5    . DG  A 1 2  ? 12.133  -3.813  -7.265  1.00 13.36 ? 2  DG  A C5    1 
ATOM   32  C C6    . DG  A 1 2  ? 12.730  -2.734  -6.558  1.00 12.86 ? 2  DG  A C6    1 
ATOM   33  O O6    . DG  A 1 2  ? 12.654  -1.537  -6.824  1.00 14.36 ? 2  DG  A O6    1 
ATOM   34  N N1    . DG  A 1 2  ? 13.454  -3.093  -5.451  1.00 14.01 ? 2  DG  A N1    1 
ATOM   35  C C2    . DG  A 1 2  ? 13.592  -4.419  -5.071  1.00 12.95 ? 2  DG  A C2    1 
ATOM   36  N N2    . DG  A 1 2  ? 14.336  -4.604  -3.990  1.00 11.62 ? 2  DG  A N2    1 
ATOM   37  N N3    . DG  A 1 2  ? 13.054  -5.455  -5.704  1.00 13.56 ? 2  DG  A N3    1 
ATOM   38  C C4    . DG  A 1 2  ? 12.346  -5.081  -6.801  1.00 13.23 ? 2  DG  A C4    1 
ATOM   39  P P     . DC  A 1 3  ? 9.270   -10.561 -6.602  1.00 18.15 ? 3  DC  A P     1 
ATOM   40  O OP1   . DC  A 1 3  ? 8.986   -11.877 -7.251  1.00 15.95 ? 3  DC  A OP1   1 
ATOM   41  O OP2   . DC  A 1 3  ? 8.189   -9.561  -7.010  1.00 17.31 ? 3  DC  A OP2   1 
ATOM   42  O "O5'" . DC  A 1 3  ? 9.494   -10.505 -5.062  1.00 14.68 ? 3  DC  A "O5'" 1 
ATOM   43  C "C5'" . DC  A 1 3  ? 10.749  -10.696 -4.419  1.00 14.05 ? 3  DC  A "C5'" 1 
ATOM   44  C "C4'" . DC  A 1 3  ? 10.842  -9.718  -3.253  1.00 10.09 ? 3  DC  A "C4'" 1 
ATOM   45  O "O4'" . DC  A 1 3  ? 11.191  -8.449  -3.783  1.00 9.49  ? 3  DC  A "O4'" 1 
ATOM   46  C "C3'" . DC  A 1 3  ? 9.577   -9.514  -2.458  1.00 10.04 ? 3  DC  A "C3'" 1 
ATOM   47  O "O3'" . DC  A 1 3  ? 9.670   -10.049 -1.085  1.00 11.23 ? 3  DC  A "O3'" 1 
ATOM   48  C "C2'" . DC  A 1 3  ? 9.337   -8.036  -2.437  1.00 9.32  ? 3  DC  A "C2'" 1 
ATOM   49  C "C1'" . DC  A 1 3  ? 10.643  -7.431  -3.022  1.00 7.51  ? 3  DC  A "C1'" 1 
ATOM   50  N N1    . DC  A 1 3  ? 10.182  -6.250  -3.762  1.00 6.88  ? 3  DC  A N1    1 
ATOM   51  C C2    . DC  A 1 3  ? 10.626  -5.007  -3.336  1.00 7.65  ? 3  DC  A C2    1 
ATOM   52  O O2    . DC  A 1 3  ? 11.439  -4.888  -2.424  1.00 5.84  ? 3  DC  A O2    1 
ATOM   53  N N3    . DC  A 1 3  ? 10.145  -3.915  -4.012  1.00 7.75  ? 3  DC  A N3    1 
ATOM   54  C C4    . DC  A 1 3  ? 9.259   -4.038  -5.040  1.00 6.65  ? 3  DC  A C4    1 
ATOM   55  N N4    . DC  A 1 3  ? 8.824   -2.929  -5.642  1.00 8.84  ? 3  DC  A N4    1 
ATOM   56  C C5    . DC  A 1 3  ? 8.794   -5.303  -5.429  1.00 7.07  ? 3  DC  A C5    1 
ATOM   57  C C6    . DC  A 1 3  ? 9.267   -6.359  -4.765  1.00 6.87  ? 3  DC  A C6    1 
ATOM   58  P P     . DA  A 1 4  ? 8.373   -9.982  -0.123  1.00 8.61  ? 4  DA  A P     1 
ATOM   59  O OP1   . DA  A 1 4  ? 7.817   -11.306 -0.088  1.00 9.88  ? 4  DA  A OP1   1 
ATOM   60  O OP2   . DA  A 1 4  ? 7.373   -8.938  -0.576  1.00 10.65 ? 4  DA  A OP2   1 
ATOM   61  O "O5'" . DA  A 1 4  ? 9.106   -9.470  1.198   1.00 11.40 ? 4  DA  A "O5'" 1 
ATOM   62  C "C5'" . DA  A 1 4  ? 10.445  -8.880  0.952   1.00 12.13 ? 4  DA  A "C5'" 1 
ATOM   63  C "C4'" . DA  A 1 4  ? 10.515  -7.728  1.982   1.00 10.66 ? 4  DA  A "C4'" 1 
ATOM   64  O "O4'" . DA  A 1 4  ? 10.601  -6.513  1.239   1.00 11.78 ? 4  DA  A "O4'" 1 
ATOM   65  C "C3'" . DA  A 1 4  ? 9.324   -7.632  2.883   1.00 10.86 ? 4  DA  A "C3'" 1 
ATOM   66  O "O3'" . DA  A 1 4  ? 9.633   -7.332  4.285   1.00 13.99 ? 4  DA  A "O3'" 1 
ATOM   67  C "C2'" . DA  A 1 4  ? 8.473   -6.542  2.299   1.00 10.70 ? 4  DA  A "C2'" 1 
ATOM   68  C "C1'" . DA  A 1 4  ? 9.488   -5.705  1.484   1.00 10.12 ? 4  DA  A "C1'" 1 
ATOM   69  N N9    . DA  A 1 4  ? 8.751   -5.299  0.283   1.00 9.95  ? 4  DA  A N9    1 
ATOM   70  C C8    . DA  A 1 4  ? 7.962   -6.077  -0.535  1.00 9.62  ? 4  DA  A C8    1 
ATOM   71  N N7    . DA  A 1 4  ? 7.406   -5.433  -1.526  1.00 9.34  ? 4  DA  A N7    1 
ATOM   72  C C5    . DA  A 1 4  ? 7.870   -4.113  -1.333  1.00 10.48 ? 4  DA  A C5    1 
ATOM   73  C C6    . DA  A 1 4  ? 7.621   -2.925  -2.049  1.00 9.40  ? 4  DA  A C6    1 
ATOM   74  N N6    . DA  A 1 4  ? 6.855   -2.873  -3.122  1.00 11.45 ? 4  DA  A N6    1 
ATOM   75  N N1    . DA  A 1 4  ? 8.244   -1.827  -1.575  1.00 9.06  ? 4  DA  A N1    1 
ATOM   76  C C2    . DA  A 1 4  ? 9.041   -1.869  -0.479  1.00 11.29 ? 4  DA  A C2    1 
ATOM   77  N N3    . DA  A 1 4  ? 9.305   -2.937  0.268   1.00 10.61 ? 4  DA  A N3    1 
ATOM   78  C C4    . DA  A 1 4  ? 8.685   -4.031  -0.226  1.00 10.33 ? 4  DA  A C4    1 
ATOM   79  P P     . DT  A 1 5  ? 8.328   -6.993  5.190   1.00 14.32 ? 5  DT  A P     1 
ATOM   80  O OP1   . DT  A 1 5  ? 8.678   -7.595  6.499   1.00 16.03 ? 5  DT  A OP1   1 
ATOM   81  O OP2   . DT  A 1 5  ? 7.075   -7.562  4.600   1.00 15.02 ? 5  DT  A OP2   1 
ATOM   82  O "O5'" . DT  A 1 5  ? 8.244   -5.397  5.157   1.00 14.65 ? 5  DT  A "O5'" 1 
ATOM   83  C "C5'" . DT  A 1 5  ? 9.212   -4.556  5.768   1.00 12.73 ? 5  DT  A "C5'" 1 
ATOM   84  C "C4'" . DT  A 1 5  ? 8.858   -3.126  5.417   1.00 12.48 ? 5  DT  A "C4'" 1 
ATOM   85  O "O4'" . DT  A 1 5  ? 8.505   -3.051  4.050   1.00 11.01 ? 5  DT  A "O4'" 1 
ATOM   86  C "C3'" . DT  A 1 5  ? 7.689   -2.509  6.192   1.00 11.35 ? 5  DT  A "C3'" 1 
ATOM   87  O "O3'" . DT  A 1 5  ? 7.962   -1.161  6.585   1.00 11.75 ? 5  DT  A "O3'" 1 
ATOM   88  C "C2'" . DT  A 1 5  ? 6.553   -2.553  5.185   1.00 11.23 ? 5  DT  A "C2'" 1 
ATOM   89  C "C1'" . DT  A 1 5  ? 7.343   -2.243  3.895   1.00 10.27 ? 5  DT  A "C1'" 1 
ATOM   90  N N1    . DT  A 1 5  ? 6.509   -2.659  2.771   1.00 10.48 ? 5  DT  A N1    1 
ATOM   91  C C2    . DT  A 1 5  ? 6.113   -1.708  1.842   1.00 10.71 ? 5  DT  A C2    1 
ATOM   92  O O2    . DT  A 1 5  ? 6.480   -0.524  1.962   1.00 11.68 ? 5  DT  A O2    1 
ATOM   93  N N3    . DT  A 1 5  ? 5.316   -2.121  0.831   1.00 8.54  ? 5  DT  A N3    1 
ATOM   94  C C4    . DT  A 1 5  ? 4.886   -3.400  0.711   1.00 9.91  ? 5  DT  A C4    1 
ATOM   95  O O4    . DT  A 1 5  ? 4.138   -3.675  -0.274  1.00 9.84  ? 5  DT  A O4    1 
ATOM   96  C C5    . DT  A 1 5  ? 5.292   -4.381  1.667   1.00 9.95  ? 5  DT  A C5    1 
ATOM   97  C C7    . DT  A 1 5  ? 4.872   -5.800  1.594   1.00 6.72  ? 5  DT  A C7    1 
ATOM   98  C C6    . DT  A 1 5  ? 6.086   -3.950  2.661   1.00 10.15 ? 5  DT  A C6    1 
ATOM   99  P P     . DA  A 1 6  ? 7.064   -0.455  7.703   1.00 11.39 ? 6  DA  A P     1 
ATOM   100 O OP1   . DA  A 1 6  ? 8.140   -0.366  8.787   1.00 16.72 ? 6  DA  A OP1   1 
ATOM   101 O OP2   . DA  A 1 6  ? 5.901   -1.283  8.078   1.00 13.38 ? 6  DA  A OP2   1 
ATOM   102 O "O5'" . DA  A 1 6  ? 6.744   0.987   7.222   1.00 11.93 ? 6  DA  A "O5'" 1 
ATOM   103 C "C5'" . DA  A 1 6  ? 7.851   1.467   6.287   1.00 11.24 ? 6  DA  A "C5'" 1 
ATOM   104 C "C4'" . DA  A 1 6  ? 7.013   2.436   5.464   1.00 8.07  ? 6  DA  A "C4'" 1 
ATOM   105 O "O4'" . DA  A 1 6  ? 6.404   1.723   4.451   1.00 6.43  ? 6  DA  A "O4'" 1 
ATOM   106 C "C3'" . DA  A 1 6  ? 5.893   3.047   6.341   1.00 7.21  ? 6  DA  A "C3'" 1 
ATOM   107 O "O3'" . DA  A 1 6  ? 5.935   4.472   6.314   1.00 8.39  ? 6  DA  A "O3'" 1 
ATOM   108 C "C2'" . DA  A 1 6  ? 4.630   2.487   5.773   1.00 6.01  ? 6  DA  A "C2'" 1 
ATOM   109 C "C1'" . DA  A 1 6  ? 5.039   2.207   4.348   1.00 5.41  ? 6  DA  A "C1'" 1 
ATOM   110 N N9    . DA  A 1 6  ? 4.179   1.202   3.763   1.00 4.07  ? 6  DA  A N9    1 
ATOM   111 C C8    . DA  A 1 6  ? 3.984   -0.093  4.201   1.00 3.65  ? 6  DA  A C8    1 
ATOM   112 N N7    . DA  A 1 6  ? 3.177   -0.784  3.473   1.00 3.57  ? 6  DA  A N7    1 
ATOM   113 C C5    . DA  A 1 6  ? 2.819   0.102   2.455   1.00 4.87  ? 6  DA  A C5    1 
ATOM   114 C C6    . DA  A 1 6  ? 1.948   -0.049  1.349   1.00 3.48  ? 6  DA  A C6    1 
ATOM   115 N N6    . DA  A 1 6  ? 1.305   -1.181  1.096   1.00 4.25  ? 6  DA  A N6    1 
ATOM   116 N N1    . DA  A 1 6  ? 1.850   1.035   0.578   1.00 4.95  ? 6  DA  A N1    1 
ATOM   117 C C2    . DA  A 1 6  ? 2.524   2.212   0.846   1.00 5.02  ? 6  DA  A C2    1 
ATOM   118 N N3    . DA  A 1 6  ? 3.338   2.420   1.839   1.00 4.57  ? 6  DA  A N3    1 
ATOM   119 C C4    . DA  A 1 6  ? 3.445   1.311   2.622   1.00 4.75  ? 6  DA  A C4    1 
ATOM   120 P P     . DT  A 1 7  ? 4.589   5.312   6.581   1.00 8.49  ? 7  DT  A P     1 
ATOM   121 O OP1   . DT  A 1 7  ? 5.084   6.508   7.250   1.00 4.88  ? 7  DT  A OP1   1 
ATOM   122 O OP2   . DT  A 1 7  ? 3.642   4.486   7.427   1.00 3.90  ? 7  DT  A OP2   1 
ATOM   123 O "O5'" . DT  A 1 7  ? 4.090   5.424   5.046   1.00 8.85  ? 7  DT  A "O5'" 1 
ATOM   124 C "C5'" . DT  A 1 7  ? 3.524   6.425   4.274   1.00 10.94 ? 7  DT  A "C5'" 1 
ATOM   125 C "C4'" . DT  A 1 7  ? 2.179   6.054   3.670   1.00 11.77 ? 7  DT  A "C4'" 1 
ATOM   126 O "O4'" . DT  A 1 7  ? 2.050   4.656   3.471   1.00 11.18 ? 7  DT  A "O4'" 1 
ATOM   127 C "C3'" . DT  A 1 7  ? 0.956   6.414   4.532   1.00 11.92 ? 7  DT  A "C3'" 1 
ATOM   128 O "O3'" . DT  A 1 7  ? 0.451   7.692   4.323   1.00 12.99 ? 7  DT  A "O3'" 1 
ATOM   129 C "C2'" . DT  A 1 7  ? -0.060  5.326   4.221   1.00 10.94 ? 7  DT  A "C2'" 1 
ATOM   130 C "C1'" . DT  A 1 7  ? 0.590   4.466   3.221   1.00 12.68 ? 7  DT  A "C1'" 1 
ATOM   131 N N1    . DT  A 1 7  ? 0.248   3.070   3.382   1.00 12.78 ? 7  DT  A N1    1 
ATOM   132 C C2    . DT  A 1 7  ? -0.445  2.411   2.388   1.00 14.29 ? 7  DT  A C2    1 
ATOM   133 O O2    . DT  A 1 7  ? -0.831  2.997   1.371   1.00 13.95 ? 7  DT  A O2    1 
ATOM   134 N N3    . DT  A 1 7  ? -0.710  1.075   2.565   1.00 13.75 ? 7  DT  A N3    1 
ATOM   135 C C4    . DT  A 1 7  ? -0.348  0.417   3.694   1.00 13.36 ? 7  DT  A C4    1 
ATOM   136 O O4    . DT  A 1 7  ? -0.658  -0.810  3.773   1.00 15.13 ? 7  DT  A O4    1 
ATOM   137 C C5    . DT  A 1 7  ? 0.375   1.097   4.713   1.00 13.37 ? 7  DT  A C5    1 
ATOM   138 C C7    . DT  A 1 7  ? 0.835   0.405   5.959   1.00 13.31 ? 7  DT  A C7    1 
ATOM   139 C C6    . DT  A 1 7  ? 0.643   2.394   4.520   1.00 14.48 ? 7  DT  A C6    1 
ATOM   140 P P     . DA  A 1 8  ? -0.163  8.505   3.143   1.00 16.85 ? 8  DA  A P     1 
ATOM   141 O OP1   . DA  A 1 8  ? 1.024   9.256   2.589   1.00 15.40 ? 8  DA  A OP1   1 
ATOM   142 O OP2   . DA  A 1 8  ? -1.170  9.508   3.685   1.00 17.76 ? 8  DA  A OP2   1 
ATOM   143 O "O5'" . DA  A 1 8  ? -0.910  7.544   2.106   1.00 14.31 ? 8  DA  A "O5'" 1 
ATOM   144 C "C5'" . DA  A 1 8  ? -0.954  8.132   0.733   1.00 12.90 ? 8  DA  A "C5'" 1 
ATOM   145 C "C4'" . DA  A 1 8  ? -2.252  7.616   0.150   1.00 11.81 ? 8  DA  A "C4'" 1 
ATOM   146 O "O4'" . DA  A 1 8  ? -2.497  6.332   0.617   1.00 13.23 ? 8  DA  A "O4'" 1 
ATOM   147 C "C3'" . DA  A 1 8  ? -3.478  8.459   0.486   1.00 12.54 ? 8  DA  A "C3'" 1 
ATOM   148 O "O3'" . DA  A 1 8  ? -4.268  8.703   -0.680  1.00 12.72 ? 8  DA  A "O3'" 1 
ATOM   149 C "C2'" . DA  A 1 8  ? -4.194  7.634   1.564   1.00 12.22 ? 8  DA  A "C2'" 1 
ATOM   150 C "C1'" . DA  A 1 8  ? -3.930  6.265   1.117   1.00 12.78 ? 8  DA  A "C1'" 1 
ATOM   151 N N9    . DA  A 1 8  ? -3.882  5.174   2.084   1.00 12.48 ? 8  DA  A N9    1 
ATOM   152 C C8    . DA  A 1 8  ? -3.317  5.149   3.331   1.00 12.24 ? 8  DA  A C8    1 
ATOM   153 N N7    . DA  A 1 8  ? -3.345  3.981   3.915   1.00 11.91 ? 8  DA  A N7    1 
ATOM   154 C C5    . DA  A 1 8  ? -3.923  3.149   2.949   1.00 11.64 ? 8  DA  A C5    1 
ATOM   155 C C6    . DA  A 1 8  ? -4.233  1.771   2.969   1.00 11.38 ? 8  DA  A C6    1 
ATOM   156 N N6    . DA  A 1 8  ? -3.996  0.957   3.979   1.00 11.60 ? 8  DA  A N6    1 
ATOM   157 N N1    . DA  A 1 8  ? -4.821  1.304   1.838   1.00 11.33 ? 8  DA  A N1    1 
ATOM   158 C C2    . DA  A 1 8  ? -5.088  2.105   0.772   1.00 11.06 ? 8  DA  A C2    1 
ATOM   159 N N3    . DA  A 1 8  ? -4.828  3.404   0.702   1.00 12.28 ? 8  DA  A N3    1 
ATOM   160 C C4    . DA  A 1 8  ? -4.249  3.863   1.826   1.00 11.53 ? 8  DA  A C4    1 
ATOM   161 P P     . DT  A 1 9  ? -5.620  9.597   -0.515  1.00 13.73 ? 9  DT  A P     1 
ATOM   162 O OP1   . DT  A 1 9  ? -5.424  10.502  -1.655  1.00 15.46 ? 9  DT  A OP1   1 
ATOM   163 O OP2   . DT  A 1 9  ? -5.678  10.304  0.801   1.00 15.26 ? 9  DT  A OP2   1 
ATOM   164 O "O5'" . DT  A 1 9  ? -6.691  8.400   -0.604  1.00 13.30 ? 9  DT  A "O5'" 1 
ATOM   165 C "C5'" . DT  A 1 9  ? -6.080  7.283   -1.381  1.00 13.34 ? 9  DT  A "C5'" 1 
ATOM   166 C "C4'" . DT  A 1 9  ? -7.167  6.312   -1.739  1.00 14.90 ? 9  DT  A "C4'" 1 
ATOM   167 O "O4'" . DT  A 1 9  ? -7.057  5.165   -0.927  1.00 13.68 ? 9  DT  A "O4'" 1 
ATOM   168 C "C3'" . DT  A 1 9  ? -8.601  6.815   -1.602  1.00 15.55 ? 9  DT  A "C3'" 1 
ATOM   169 O "O3'" . DT  A 1 9  ? -9.354  6.557   -2.833  1.00 18.18 ? 9  DT  A "O3'" 1 
ATOM   170 C "C2'" . DT  A 1 9  ? -9.181  6.093   -0.442  1.00 14.73 ? 9  DT  A "C2'" 1 
ATOM   171 C "C1'" . DT  A 1 9  ? -8.328  4.887   -0.294  1.00 15.08 ? 9  DT  A "C1'" 1 
ATOM   172 N N1    . DT  A 1 9  ? -8.064  4.606   1.135   1.00 14.05 ? 9  DT  A N1    1 
ATOM   173 C C2    . DT  A 1 9  ? -8.035  3.283   1.500   1.00 13.98 ? 9  DT  A C2    1 
ATOM   174 O O2    . DT  A 1 9  ? -8.275  2.380   0.685   1.00 15.63 ? 9  DT  A O2    1 
ATOM   175 N N3    . DT  A 1 9  ? -7.746  2.998   2.799   1.00 14.63 ? 9  DT  A N3    1 
ATOM   176 C C4    . DT  A 1 9  ? -7.501  3.965   3.724   1.00 13.80 ? 9  DT  A C4    1 
ATOM   177 O O4    . DT  A 1 9  ? -7.275  3.583   4.887   1.00 13.53 ? 9  DT  A O4    1 
ATOM   178 C C5    . DT  A 1 9  ? -7.515  5.337   3.312   1.00 14.56 ? 9  DT  A C5    1 
ATOM   179 C C7    . DT  A 1 9  ? -7.249  6.430   4.304   1.00 14.51 ? 9  DT  A C7    1 
ATOM   180 C C6    . DT  A 1 9  ? -7.790  5.599   2.026   1.00 13.92 ? 9  DT  A C6    1 
ATOM   181 P P     . DG  A 1 10 ? -10.594 7.623   -3.103  1.00 18.59 ? 10 DG  A P     1 
ATOM   182 O OP1   . DG  A 1 10 ? -10.403 7.893   -4.551  1.00 18.87 ? 10 DG  A OP1   1 
ATOM   183 O OP2   . DG  A 1 10 ? -10.435 8.808   -2.242  1.00 17.42 ? 10 DG  A OP2   1 
ATOM   184 O "O5'" . DG  A 1 10 ? -11.824 6.634   -2.734  1.00 15.23 ? 10 DG  A "O5'" 1 
ATOM   185 C "C5'" . DG  A 1 10 ? -11.336 5.251   -2.913  1.00 16.32 ? 10 DG  A "C5'" 1 
ATOM   186 C "C4'" . DG  A 1 10 ? -12.367 4.264   -2.614  1.00 15.51 ? 10 DG  A "C4'" 1 
ATOM   187 O "O4'" . DG  A 1 10 ? -12.108 3.646   -1.325  1.00 15.90 ? 10 DG  A "O4'" 1 
ATOM   188 C "C3'" . DG  A 1 10 ? -13.831 4.732   -2.444  1.00 15.48 ? 10 DG  A "C3'" 1 
ATOM   189 O "O3'" . DG  A 1 10 ? -14.693 3.627   -2.425  1.00 16.94 ? 10 DG  A "O3'" 1 
ATOM   190 C "C2'" . DG  A 1 10 ? -13.683 5.396   -1.053  1.00 15.78 ? 10 DG  A "C2'" 1 
ATOM   191 C "C1'" . DG  A 1 10 ? -13.039 4.213   -0.350  1.00 15.64 ? 10 DG  A "C1'" 1 
ATOM   192 N N9    . DG  A 1 10 ? -12.350 4.519   0.896   1.00 14.83 ? 10 DG  A N9    1 
ATOM   193 C C8    . DG  A 1 10 ? -11.866 5.662   1.427   1.00 15.79 ? 10 DG  A C8    1 
ATOM   194 N N7    . DG  A 1 10 ? -11.292 5.534   2.617   1.00 15.18 ? 10 DG  A N7    1 
ATOM   195 C C5    . DG  A 1 10 ? -11.409 4.172   2.877   1.00 15.44 ? 10 DG  A C5    1 
ATOM   196 C C6    . DG  A 1 10 ? -11.008 3.382   3.978   1.00 15.63 ? 10 DG  A C6    1 
ATOM   197 O O6    . DG  A 1 10 ? -10.432 3.749   5.016   1.00 17.22 ? 10 DG  A O6    1 
ATOM   198 N N1    . DG  A 1 10 ? -11.308 2.050   3.885   1.00 16.01 ? 10 DG  A N1    1 
ATOM   199 C C2    . DG  A 1 10 ? -11.964 1.532   2.801   1.00 15.87 ? 10 DG  A C2    1 
ATOM   200 N N2    . DG  A 1 10 ? -12.188 0.206   2.850   1.00 15.65 ? 10 DG  A N2    1 
ATOM   201 N N3    . DG  A 1 10 ? -12.372 2.220   1.752   1.00 15.84 ? 10 DG  A N3    1 
ATOM   202 C C4    . DG  A 1 10 ? -12.060 3.528   1.849   1.00 15.86 ? 10 DG  A C4    1 
ATOM   203 P P     . DC  A 1 11 ? -15.789 3.177   -3.488  1.00 14.74 ? 11 DC  A P     1 
ATOM   204 O OP1   . DC  A 1 11 ? -15.124 3.393   -4.785  1.00 15.74 ? 11 DC  A OP1   1 
ATOM   205 O OP2   . DC  A 1 11 ? -16.982 4.014   -3.111  1.00 14.92 ? 11 DC  A OP2   1 
ATOM   206 O "O5'" . DC  A 1 11 ? -16.076 1.619   -3.248  1.00 14.76 ? 11 DC  A "O5'" 1 
ATOM   207 C "C5'" . DC  A 1 11 ? -14.944 0.733   -3.565  1.00 15.60 ? 11 DC  A "C5'" 1 
ATOM   208 C "C4'" . DC  A 1 11 ? -14.940 -0.286  -2.419  1.00 15.08 ? 11 DC  A "C4'" 1 
ATOM   209 O "O4'" . DC  A 1 11 ? -14.598 0.290   -1.195  1.00 12.89 ? 11 DC  A "O4'" 1 
ATOM   210 C "C3'" . DC  A 1 11 ? -16.305 -0.931  -2.245  1.00 15.30 ? 11 DC  A "C3'" 1 
ATOM   211 O "O3'" . DC  A 1 11 ? -16.175 -2.351  -2.162  1.00 18.51 ? 11 DC  A "O3'" 1 
ATOM   212 C "C2'" . DC  A 1 11 ? -16.844 -0.297  -0.971  1.00 15.27 ? 11 DC  A "C2'" 1 
ATOM   213 C "C1'" . DC  A 1 11 ? -15.601 -0.054  -0.186  1.00 12.69 ? 11 DC  A "C1'" 1 
ATOM   214 N N1    . DC  A 1 11 ? -15.716 1.067   0.748   1.00 11.15 ? 11 DC  A N1    1 
ATOM   215 C C2    . DC  A 1 11 ? -15.333 0.873   2.062   1.00 11.53 ? 11 DC  A C2    1 
ATOM   216 O O2    . DC  A 1 11 ? -14.959 -0.245  2.440   1.00 12.11 ? 11 DC  A O2    1 
ATOM   217 N N3    . DC  A 1 11 ? -15.393 1.937   2.919   1.00 11.32 ? 11 DC  A N3    1 
ATOM   218 C C4    . DC  A 1 11 ? -15.829 3.154   2.506   1.00 11.62 ? 11 DC  A C4    1 
ATOM   219 N N4    . DC  A 1 11 ? -15.899 4.189   3.339   1.00 12.87 ? 11 DC  A N4    1 
ATOM   220 C C5    . DC  A 1 11 ? -16.211 3.351   1.148   1.00 11.58 ? 11 DC  A C5    1 
ATOM   221 C C6    . DC  A 1 11 ? -16.125 2.295   0.326   1.00 12.09 ? 11 DC  A C6    1 
ATOM   222 P P     . DG  A 1 12 ? -17.626 -3.113  -2.129  1.00 22.70 ? 12 DG  A P     1 
ATOM   223 O OP1   . DG  A 1 12 ? -17.460 -4.216  -3.080  1.00 19.56 ? 12 DG  A OP1   1 
ATOM   224 O OP2   . DG  A 1 12 ? -18.621 -2.031  -2.513  1.00 20.27 ? 12 DG  A OP2   1 
ATOM   225 O "O5'" . DG  A 1 12 ? -17.796 -3.400  -0.586  1.00 20.03 ? 12 DG  A "O5'" 1 
ATOM   226 C "C5'" . DG  A 1 12 ? -17.673 -4.643  0.118   1.00 17.15 ? 12 DG  A "C5'" 1 
ATOM   227 C "C4'" . DG  A 1 12 ? -18.409 -4.355  1.436   1.00 13.87 ? 12 DG  A "C4'" 1 
ATOM   228 O "O4'" . DG  A 1 12 ? -17.963 -3.079  1.873   1.00 12.97 ? 12 DG  A "O4'" 1 
ATOM   229 C "C3'" . DG  A 1 12 ? -19.904 -4.258  1.296   1.00 13.01 ? 12 DG  A "C3'" 1 
ATOM   230 O "O3'" . DG  A 1 12 ? -20.598 -5.393  1.803   1.00 13.02 ? 12 DG  A "O3'" 1 
ATOM   231 C "C2'" . DG  A 1 12 ? -20.295 -2.984  2.031   1.00 14.35 ? 12 DG  A "C2'" 1 
ATOM   232 C "C1'" . DG  A 1 12 ? -19.027 -2.533  2.693   1.00 11.52 ? 12 DG  A "C1'" 1 
ATOM   233 N N9    . DG  A 1 12 ? -18.973 -1.069  2.656   1.00 10.85 ? 12 DG  A N9    1 
ATOM   234 C C8    . DG  A 1 12 ? -19.358 -0.258  1.645   1.00 10.03 ? 12 DG  A C8    1 
ATOM   235 N N7    . DG  A 1 12 ? -19.199 1.019   1.877   1.00 10.53 ? 12 DG  A N7    1 
ATOM   236 C C5    . DG  A 1 12 ? -18.647 1.030   3.169   1.00 11.16 ? 12 DG  A C5    1 
ATOM   237 C C6    . DG  A 1 12 ? -18.238 2.115   3.999   1.00 9.72  ? 12 DG  A C6    1 
ATOM   238 O O6    . DG  A 1 12 ? -18.286 3.299   3.752   1.00 10.12 ? 12 DG  A O6    1 
ATOM   239 N N1    . DG  A 1 12 ? -17.766 1.735   5.231   1.00 11.48 ? 12 DG  A N1    1 
ATOM   240 C C2    . DG  A 1 12 ? -17.675 0.424   5.604   1.00 9.77  ? 12 DG  A C2    1 
ATOM   241 N N2    . DG  A 1 12 ? -17.171 0.270   6.827   1.00 11.54 ? 12 DG  A N2    1 
ATOM   242 N N3    . DG  A 1 12 ? -18.041 -0.621  4.872   1.00 10.79 ? 12 DG  A N3    1 
ATOM   243 C C4    . DG  A 1 12 ? -18.511 -0.246  3.656   1.00 10.99 ? 12 DG  A C4    1 
ATOM   244 O "O5'" . DC  B 1 1  ? -17.449 5.564   13.227  1.00 15.28 ? 13 DC  B "O5'" 1 
ATOM   245 C "C5'" . DC  B 1 1  ? -17.368 4.210   13.673  1.00 13.31 ? 13 DC  B "C5'" 1 
ATOM   246 C "C4'" . DC  B 1 1  ? -16.167 3.518   13.026  1.00 12.06 ? 13 DC  B "C4'" 1 
ATOM   247 O "O4'" . DC  B 1 1  ? -16.541 3.115   11.737  1.00 9.09  ? 13 DC  B "O4'" 1 
ATOM   248 C "C3'" . DC  B 1 1  ? -14.907 4.368   12.883  1.00 12.37 ? 13 DC  B "C3'" 1 
ATOM   249 O "O3'" . DC  B 1 1  ? -13.698 3.682   12.881  1.00 14.70 ? 13 DC  B "O3'" 1 
ATOM   250 C "C2'" . DC  B 1 1  ? -15.246 5.050   11.500  1.00 10.69 ? 13 DC  B "C2'" 1 
ATOM   251 C "C1'" . DC  B 1 1  ? -15.752 3.859   10.755  1.00 11.48 ? 13 DC  B "C1'" 1 
ATOM   252 N N1    . DC  B 1 1  ? -16.569 4.172   9.573   1.00 11.41 ? 13 DC  B N1    1 
ATOM   253 C C2    . DC  B 1 1  ? -16.734 3.156   8.651   1.00 10.18 ? 13 DC  B C2    1 
ATOM   254 O O2    . DC  B 1 1  ? -16.181 2.079   8.792   1.00 10.76 ? 13 DC  B O2    1 
ATOM   255 N N3    . DC  B 1 1  ? -17.513 3.405   7.548   1.00 12.44 ? 13 DC  B N3    1 
ATOM   256 C C4    . DC  B 1 1  ? -18.117 4.620   7.357   1.00 11.66 ? 13 DC  B C4    1 
ATOM   257 N N4    . DC  B 1 1  ? -18.850 4.806   6.258   1.00 12.94 ? 13 DC  B N4    1 
ATOM   258 C C5    . DC  B 1 1  ? -17.954 5.633   8.311   1.00 10.38 ? 13 DC  B C5    1 
ATOM   259 C C6    . DC  B 1 1  ? -17.193 5.370   9.384   1.00 12.24 ? 13 DC  B C6    1 
ATOM   260 P P     . DG  B 1 2  ? -12.859 2.746   13.881  1.00 16.34 ? 14 DG  B P     1 
ATOM   261 O OP1   . DG  B 1 2  ? -13.399 3.047   15.248  1.00 18.88 ? 14 DG  B OP1   1 
ATOM   262 O OP2   . DG  B 1 2  ? -11.383 3.115   13.814  1.00 14.88 ? 14 DG  B OP2   1 
ATOM   263 O "O5'" . DG  B 1 2  ? -13.097 1.243   13.477  1.00 16.76 ? 14 DG  B "O5'" 1 
ATOM   264 C "C5'" . DG  B 1 2  ? -14.427 0.664   13.218  1.00 15.84 ? 14 DG  B "C5'" 1 
ATOM   265 C "C4'" . DG  B 1 2  ? -14.081 -0.553  12.368  1.00 15.88 ? 14 DG  B "C4'" 1 
ATOM   266 O "O4'" . DG  B 1 2  ? -14.506 -0.314  11.036  1.00 16.17 ? 14 DG  B "O4'" 1 
ATOM   267 C "C3'" . DG  B 1 2  ? -12.576 -0.811  12.254  1.00 14.81 ? 14 DG  B "C3'" 1 
ATOM   268 O "O3'" . DG  B 1 2  ? -12.169 -2.039  11.709  1.00 12.14 ? 14 DG  B "O3'" 1 
ATOM   269 C "C2'" . DG  B 1 2  ? -12.269 0.357   11.257  1.00 15.26 ? 14 DG  B "C2'" 1 
ATOM   270 C "C1'" . DG  B 1 2  ? -13.355 -0.136  10.221  1.00 17.30 ? 14 DG  B "C1'" 1 
ATOM   271 N N9    . DG  B 1 2  ? -13.431 0.898   9.213   1.00 17.60 ? 14 DG  B N9    1 
ATOM   272 C C8    . DG  B 1 2  ? -13.160 2.244   9.418   1.00 18.38 ? 14 DG  B C8    1 
ATOM   273 N N7    . DG  B 1 2  ? -13.279 2.972   8.360   1.00 18.95 ? 14 DG  B N7    1 
ATOM   274 C C5    . DG  B 1 2  ? -13.649 2.053   7.366   1.00 17.42 ? 14 DG  B C5    1 
ATOM   275 C C6    . DG  B 1 2  ? -13.939 2.242   5.997   1.00 17.76 ? 14 DG  B C6    1 
ATOM   276 O O6    . DG  B 1 2  ? -13.925 3.308   5.382   1.00 19.12 ? 14 DG  B O6    1 
ATOM   277 N N1    . DG  B 1 2  ? -14.269 1.089   5.332   1.00 17.34 ? 14 DG  B N1    1 
ATOM   278 C C2    . DG  B 1 2  ? -14.312 -0.114  5.950   1.00 17.37 ? 14 DG  B C2    1 
ATOM   279 N N2    . DG  B 1 2  ? -14.659 -1.123  5.156   1.00 19.21 ? 14 DG  B N2    1 
ATOM   280 N N3    . DG  B 1 2  ? -14.070 -0.354  7.243   1.00 17.77 ? 14 DG  B N3    1 
ATOM   281 C C4    . DG  B 1 2  ? -13.748 0.793   7.895   1.00 17.87 ? 14 DG  B C4    1 
ATOM   282 P P     . DC  B 1 3  ? -10.773 -2.771  12.097  1.00 11.90 ? 15 DC  B P     1 
ATOM   283 O OP1   . DC  B 1 3  ? -11.168 -3.864  13.034  1.00 11.87 ? 15 DC  B OP1   1 
ATOM   284 O OP2   . DC  B 1 3  ? -9.758  -1.833  12.602  1.00 12.60 ? 15 DC  B OP2   1 
ATOM   285 O "O5'" . DC  B 1 3  ? -10.258 -3.398  10.716  1.00 11.24 ? 15 DC  B "O5'" 1 
ATOM   286 C "C5'" . DC  B 1 3  ? -11.331 -4.317  10.175  1.00 11.61 ? 15 DC  B "C5'" 1 
ATOM   287 C "C4'" . DC  B 1 3  ? -11.272 -3.992  8.687   1.00 11.14 ? 15 DC  B "C4'" 1 
ATOM   288 O "O4'" . DC  B 1 3  ? -11.424 -2.630  8.470   1.00 8.48  ? 15 DC  B "O4'" 1 
ATOM   289 C "C3'" . DC  B 1 3  ? -9.888  -4.340  8.073   1.00 11.08 ? 15 DC  B "C3'" 1 
ATOM   290 O "O3'" . DC  B 1 3  ? -9.802  -5.712  7.819   1.00 12.43 ? 15 DC  B "O3'" 1 
ATOM   291 C "C2'" . DC  B 1 3  ? -9.846  -3.407  6.886   1.00 11.82 ? 15 DC  B "C2'" 1 
ATOM   292 C "C1'" . DC  B 1 3  ? -10.839 -2.345  7.163   1.00 10.79 ? 15 DC  B "C1'" 1 
ATOM   293 N N1    . DC  B 1 3  ? -10.276 -0.988  7.213   1.00 10.72 ? 15 DC  B N1    1 
ATOM   294 C C2    . DC  B 1 3  ? -10.645 -0.138  6.174   1.00 11.30 ? 15 DC  B C2    1 
ATOM   295 O O2    . DC  B 1 3  ? -11.371 -0.532  5.267   1.00 9.50  ? 15 DC  B O2    1 
ATOM   296 N N3    . DC  B 1 3  ? -10.166 1.142   6.212   1.00 11.49 ? 15 DC  B N3    1 
ATOM   297 C C4    . DC  B 1 3  ? -9.351  1.583   7.208   1.00 11.34 ? 15 DC  B C4    1 
ATOM   298 N N4    . DC  B 1 3  ? -8.912  2.840   7.174   1.00 11.58 ? 15 DC  B N4    1 
ATOM   299 C C5    . DC  B 1 3  ? -8.991  0.705   8.280   1.00 11.66 ? 15 DC  B C5    1 
ATOM   300 C C6    . DC  B 1 3  ? -9.485  -0.545  8.224   1.00 11.76 ? 15 DC  B C6    1 
ATOM   301 P P     . DA  B 1 4  ? -8.543  -6.576  7.403   1.00 15.21 ? 16 DA  B P     1 
ATOM   302 O OP1   . DA  B 1 4  ? -8.842  -7.999  7.761   1.00 14.65 ? 16 DA  B OP1   1 
ATOM   303 O OP2   . DA  B 1 4  ? -7.239  -6.158  7.954   1.00 12.71 ? 16 DA  B OP2   1 
ATOM   304 O "O5'" . DA  B 1 4  ? -8.672  -6.457  5.783   1.00 13.66 ? 16 DA  B "O5'" 1 
ATOM   305 C "C5'" . DA  B 1 4  ? -9.925  -7.072  5.253   1.00 11.04 ? 16 DA  B "C5'" 1 
ATOM   306 C "C4'" . DA  B 1 4  ? -10.036 -6.589  3.812   1.00 6.24  ? 16 DA  B "C4'" 1 
ATOM   307 O "O4'" . DA  B 1 4  ? -10.001 -5.182  3.797   1.00 6.07  ? 16 DA  B "O4'" 1 
ATOM   308 C "C3'" . DA  B 1 4  ? -8.901  -7.065  2.915   1.00 7.70  ? 16 DA  B "C3'" 1 
ATOM   309 O "O3'" . DA  B 1 4  ? -9.294  -7.359  1.574   1.00 9.66  ? 16 DA  B "O3'" 1 
ATOM   310 C "C2'" . DA  B 1 4  ? -7.898  -5.923  3.058   1.00 3.80  ? 16 DA  B "C2'" 1 
ATOM   311 C "C1'" . DA  B 1 4  ? -8.814  -4.733  3.115   1.00 5.97  ? 16 DA  B "C1'" 1 
ATOM   312 N N9    . DA  B 1 4  ? -8.177  -3.607  3.803   1.00 5.74  ? 16 DA  B N9    1 
ATOM   313 C C8    . DA  B 1 4  ? -7.413  -3.634  4.944   1.00 6.31  ? 16 DA  B C8    1 
ATOM   314 N N7    . DA  B 1 4  ? -6.972  -2.473  5.322   1.00 7.53  ? 16 DA  B N7    1 
ATOM   315 C C5    . DA  B 1 4  ? -7.491  -1.602  4.355   1.00 7.40  ? 16 DA  B C5    1 
ATOM   316 C C6    . DA  B 1 4  ? -7.369  -0.199  4.205   1.00 6.95  ? 16 DA  B C6    1 
ATOM   317 N N6    . DA  B 1 4  ? -6.699  0.576   5.034   1.00 9.45  ? 16 DA  B N6    1 
ATOM   318 N N1    . DA  B 1 4  ? -8.015  0.323   3.125   1.00 8.08  ? 16 DA  B N1    1 
ATOM   319 C C2    . DA  B 1 4  ? -8.714  -0.481  2.251   1.00 7.83  ? 16 DA  B C2    1 
ATOM   320 N N3    . DA  B 1 4  ? -8.858  -1.794  2.328   1.00 6.49  ? 16 DA  B N3    1 
ATOM   321 C C4    . DA  B 1 4  ? -8.222  -2.295  3.423   1.00 6.94  ? 16 DA  B C4    1 
ATOM   322 P P     . DT  B 1 5  ? -8.306  -7.969  0.456   1.00 14.87 ? 17 DT  B P     1 
ATOM   323 O OP1   . DT  B 1 5  ? -9.088  -8.900  -0.375  1.00 12.88 ? 17 DT  B OP1   1 
ATOM   324 O OP2   . DT  B 1 5  ? -7.032  -8.533  0.990   1.00 12.19 ? 17 DT  B OP2   1 
ATOM   325 O "O5'" . DT  B 1 5  ? -7.998  -6.610  -0.389  1.00 14.23 ? 17 DT  B "O5'" 1 
ATOM   326 C "C5'" . DT  B 1 5  ? -9.304  -5.930  -0.759  1.00 15.58 ? 17 DT  B "C5'" 1 
ATOM   327 C "C4'" . DT  B 1 5  ? -8.795  -4.655  -1.381  1.00 14.57 ? 17 DT  B "C4'" 1 
ATOM   328 O "O4'" . DT  B 1 5  ? -8.368  -3.773  -0.308  1.00 13.93 ? 17 DT  B "O4'" 1 
ATOM   329 C "C3'" . DT  B 1 5  ? -7.564  -4.858  -2.229  1.00 14.84 ? 17 DT  B "C3'" 1 
ATOM   330 O "O3'" . DT  B 1 5  ? -7.256  -3.836  -3.142  1.00 16.16 ? 17 DT  B "O3'" 1 
ATOM   331 C "C2'" . DT  B 1 5  ? -6.469  -4.791  -1.096  1.00 14.74 ? 17 DT  B "C2'" 1 
ATOM   332 C "C1'" . DT  B 1 5  ? -7.026  -3.398  -0.586  1.00 11.56 ? 17 DT  B "C1'" 1 
ATOM   333 N N1    . DT  B 1 5  ? -6.178  -2.977  0.489   1.00 11.16 ? 17 DT  B N1    1 
ATOM   334 C C2    . DT  B 1 5  ? -6.062  -1.622  0.742   1.00 10.57 ? 17 DT  B C2    1 
ATOM   335 O O2    . DT  B 1 5  ? -6.669  -0.789  0.081   1.00 10.24 ? 17 DT  B O2    1 
ATOM   336 N N3    . DT  B 1 5  ? -5.245  -1.222  1.758   1.00 11.39 ? 17 DT  B N3    1 
ATOM   337 C C4    . DT  B 1 5  ? -4.562  -2.116  2.527   1.00 11.64 ? 17 DT  B C4    1 
ATOM   338 O O4    . DT  B 1 5  ? -3.857  -1.607  3.459   1.00 13.38 ? 17 DT  B O4    1 
ATOM   339 C C5    . DT  B 1 5  ? -4.693  -3.497  2.279   1.00 11.24 ? 17 DT  B C5    1 
ATOM   340 C C7    . DT  B 1 5  ? -3.959  -4.517  3.094   1.00 12.17 ? 17 DT  B C7    1 
ATOM   341 C C6    . DT  B 1 5  ? -5.493  -3.881  1.274   1.00 11.32 ? 17 DT  B C6    1 
ATOM   342 P P     . DA  B 1 6  ? -7.540  -4.002  -4.720  1.00 17.33 ? 18 DA  B P     1 
ATOM   343 O OP1   . DA  B 1 6  ? -8.931  -3.446  -4.700  1.00 14.63 ? 18 DA  B OP1   1 
ATOM   344 O OP2   . DA  B 1 6  ? -7.302  -5.398  -5.148  1.00 14.44 ? 18 DA  B OP2   1 
ATOM   345 O "O5'" . DA  B 1 6  ? -6.503  -2.985  -5.415  1.00 15.35 ? 18 DA  B "O5'" 1 
ATOM   346 C "C5'" . DA  B 1 6  ? -7.191  -1.709  -5.769  1.00 18.73 ? 18 DA  B "C5'" 1 
ATOM   347 C "C4'" . DA  B 1 6  ? -6.138  -0.656  -5.423  1.00 16.95 ? 18 DA  B "C4'" 1 
ATOM   348 O "O4'" . DA  B 1 6  ? -5.817  -0.736  -4.088  1.00 18.24 ? 18 DA  B "O4'" 1 
ATOM   349 C "C3'" . DA  B 1 6  ? -4.838  -0.933  -6.201  1.00 18.49 ? 18 DA  B "C3'" 1 
ATOM   350 O "O3'" . DA  B 1 6  ? -4.916  -0.214  -7.468  1.00 20.15 ? 18 DA  B "O3'" 1 
ATOM   351 C "C2'" . DA  B 1 6  ? -3.769  -0.580  -5.244  1.00 17.78 ? 18 DA  B "C2'" 1 
ATOM   352 C "C1'" . DA  B 1 6  ? -4.415  -0.442  -3.879  1.00 15.86 ? 18 DA  B "C1'" 1 
ATOM   353 N N9    . DA  B 1 6  ? -3.833  -1.319  -2.856  1.00 13.65 ? 18 DA  B N9    1 
ATOM   354 C C8    . DA  B 1 6  ? -3.840  -2.664  -2.750  1.00 13.27 ? 18 DA  B C8    1 
ATOM   355 N N7    . DA  B 1 6  ? -3.238  -3.135  -1.668  1.00 13.68 ? 18 DA  B N7    1 
ATOM   356 C C5    . DA  B 1 6  ? -2.813  -1.993  -1.006  1.00 12.32 ? 18 DA  B C5    1 
ATOM   357 C C6    . DA  B 1 6  ? -2.102  -1.826  0.197   1.00 13.65 ? 18 DA  B C6    1 
ATOM   358 N N6    . DA  B 1 6  ? -1.689  -2.816  0.979   1.00 12.59 ? 18 DA  B N6    1 
ATOM   359 N N1    . DA  B 1 6  ? -1.861  -0.510  0.563   1.00 13.26 ? 18 DA  B N1    1 
ATOM   360 C C2    . DA  B 1 6  ? -2.278  0.527   -0.211  1.00 12.51 ? 18 DA  B C2    1 
ATOM   361 N N3    . DA  B 1 6  ? -2.945  0.424   -1.357  1.00 12.62 ? 18 DA  B N3    1 
ATOM   362 C C4    . DA  B 1 6  ? -3.182  -0.861  -1.701  1.00 13.52 ? 18 DA  B C4    1 
ATOM   363 P P     . DT  B 1 7  ? -4.142  1.141   -7.746  1.00 21.10 ? 19 DT  B P     1 
ATOM   364 O OP1   . DT  B 1 7  ? -5.151  2.122   -8.203  1.00 20.15 ? 19 DT  B OP1   1 
ATOM   365 O OP2   . DT  B 1 7  ? -2.934  0.970   -8.612  1.00 20.24 ? 19 DT  B OP2   1 
ATOM   366 O "O5'" . DT  B 1 7  ? -3.614  1.509   -6.243  1.00 20.86 ? 19 DT  B "O5'" 1 
ATOM   367 C "C5'" . DT  B 1 7  ? -3.692  3.009   -6.012  1.00 21.43 ? 19 DT  B "C5'" 1 
ATOM   368 C "C4'" . DT  B 1 7  ? -2.230  3.270   -5.628  1.00 20.06 ? 19 DT  B "C4'" 1 
ATOM   369 O "O4'" . DT  B 1 7  ? -1.913  2.305   -4.648  1.00 20.51 ? 19 DT  B "O4'" 1 
ATOM   370 C "C3'" . DT  B 1 7  ? -1.255  3.074   -6.774  1.00 20.01 ? 19 DT  B "C3'" 1 
ATOM   371 O "O3'" . DT  B 1 7  ? -0.748  4.319   -7.240  1.00 21.06 ? 19 DT  B "O3'" 1 
ATOM   372 C "C2'" . DT  B 1 7  ? -0.212  2.104   -6.228  1.00 19.79 ? 19 DT  B "C2'" 1 
ATOM   373 C "C1'" . DT  B 1 7  ? -0.480  2.017   -4.782  1.00 17.94 ? 19 DT  B "C1'" 1 
ATOM   374 N N1    . DT  B 1 7  ? -0.229  0.727   -4.123  1.00 16.26 ? 19 DT  B N1    1 
ATOM   375 C C2    . DT  B 1 7  ? 0.235   0.812   -2.809  1.00 15.20 ? 19 DT  B C2    1 
ATOM   376 O O2    . DT  B 1 7  ? 0.455   1.892   -2.281  1.00 16.53 ? 19 DT  B O2    1 
ATOM   377 N N3    . DT  B 1 7  ? 0.457   -0.352  -2.142  1.00 15.53 ? 19 DT  B N3    1 
ATOM   378 C C4    . DT  B 1 7  ? 0.223   -1.573  -2.690  1.00 15.20 ? 19 DT  B C4    1 
ATOM   379 O O4    . DT  B 1 7  ? 0.479   -2.582  -1.961  1.00 14.20 ? 19 DT  B O4    1 
ATOM   380 C C5    . DT  B 1 7  ? -0.258  -1.642  -4.032  1.00 15.36 ? 19 DT  B C5    1 
ATOM   381 C C7    . DT  B 1 7  ? -0.528  -2.971  -4.669  1.00 14.70 ? 19 DT  B C7    1 
ATOM   382 C C6    . DT  B 1 7  ? -0.476  -0.491  -4.677  1.00 15.43 ? 19 DT  B C6    1 
ATOM   383 P P     . DA  B 1 8  ? 0.778   4.764   -7.474  1.00 21.40 ? 20 DA  B P     1 
ATOM   384 O OP1   . DA  B 1 8  ? 0.675   5.796   -8.521  1.00 21.14 ? 20 DA  B OP1   1 
ATOM   385 O OP2   . DA  B 1 8  ? 1.611   3.615   -7.981  1.00 19.79 ? 20 DA  B OP2   1 
ATOM   386 O "O5'" . DA  B 1 8  ? 1.178   5.237   -5.991  1.00 17.72 ? 20 DA  B "O5'" 1 
ATOM   387 C "C5'" . DA  B 1 8  ? 2.526   5.677   -5.851  1.00 17.18 ? 20 DA  B "C5'" 1 
ATOM   388 C "C4'" . DA  B 1 8  ? 2.950   5.841   -4.418  1.00 13.57 ? 20 DA  B "C4'" 1 
ATOM   389 O "O4'" . DA  B 1 8  ? 2.629   4.733   -3.651  1.00 12.46 ? 20 DA  B "O4'" 1 
ATOM   390 C "C3'" . DA  B 1 8  ? 4.482   5.995   -4.300  1.00 14.41 ? 20 DA  B "C3'" 1 
ATOM   391 O "O3'" . DA  B 1 8  ? 4.881   6.925   -3.291  1.00 15.24 ? 20 DA  B "O3'" 1 
ATOM   392 C "C2'" . DA  B 1 8  ? 4.911   4.553   -4.068  1.00 13.28 ? 20 DA  B "C2'" 1 
ATOM   393 C "C1'" . DA  B 1 8  ? 3.797   4.014   -3.215  1.00 11.30 ? 20 DA  B "C1'" 1 
ATOM   394 N N9    . DA  B 1 8  ? 3.639   2.562   -3.373  1.00 10.61 ? 20 DA  B N9    1 
ATOM   395 C C8    . DA  B 1 8  ? 2.968   1.867   -4.351  1.00 9.59  ? 20 DA  B C8    1 
ATOM   396 N N7    . DA  B 1 8  ? 3.022   0.556   -4.213  1.00 9.60  ? 20 DA  B N7    1 
ATOM   397 C C5    . DA  B 1 8  ? 3.770   0.371   -3.061  1.00 9.60  ? 20 DA  B C5    1 
ATOM   398 C C6    . DA  B 1 8  ? 4.181   -0.794  -2.384  1.00 9.19  ? 20 DA  B C6    1 
ATOM   399 N N6    . DA  B 1 8  ? 3.899   -2.047  -2.721  1.00 8.50  ? 20 DA  B N6    1 
ATOM   400 N N1    . DA  B 1 8  ? 4.941   -0.574  -1.274  1.00 10.24 ? 20 DA  B N1    1 
ATOM   401 C C2    . DA  B 1 8  ? 5.274   0.692   -0.868  1.00 9.77  ? 20 DA  B C2    1 
ATOM   402 N N3    . DA  B 1 8  ? 4.908   1.807   -1.458  1.00 9.16  ? 20 DA  B N3    1 
ATOM   403 C C4    . DA  B 1 8  ? 4.162   1.592   -2.537  1.00 9.42  ? 20 DA  B C4    1 
ATOM   404 P P     . DT  B 1 9  ? 6.268   7.752   -3.565  1.00 14.26 ? 21 DT  B P     1 
ATOM   405 O OP1   . DT  B 1 9  ? 5.937   9.138   -3.213  1.00 15.34 ? 21 DT  B OP1   1 
ATOM   406 O OP2   . DT  B 1 9  ? 6.812   7.501   -4.918  1.00 16.13 ? 21 DT  B OP2   1 
ATOM   407 O "O5'" . DT  B 1 9  ? 7.248   7.069   -2.490  1.00 16.95 ? 21 DT  B "O5'" 1 
ATOM   408 C "C5'" . DT  B 1 9  ? 6.490   6.331   -1.395  1.00 15.10 ? 21 DT  B "C5'" 1 
ATOM   409 C "C4'" . DT  B 1 9  ? 7.661   5.485   -0.870  1.00 14.11 ? 21 DT  B "C4'" 1 
ATOM   410 O "O4'" . DT  B 1 9  ? 7.450   4.145   -1.080  1.00 12.66 ? 21 DT  B "O4'" 1 
ATOM   411 C "C3'" . DT  B 1 9  ? 8.956   5.902   -1.631  1.00 13.88 ? 21 DT  B "C3'" 1 
ATOM   412 O "O3'" . DT  B 1 9  ? 10.056  6.031   -0.783  1.00 13.42 ? 21 DT  B "O3'" 1 
ATOM   413 C "C2'" . DT  B 1 9  ? 9.018   4.798   -2.682  1.00 13.03 ? 21 DT  B "C2'" 1 
ATOM   414 C "C1'" . DT  B 1 9  ? 8.534   3.613   -1.903  1.00 12.63 ? 21 DT  B "C1'" 1 
ATOM   415 N N1    . DT  B 1 9  ? 8.006   2.543   -2.730  1.00 12.29 ? 21 DT  B N1    1 
ATOM   416 C C2    . DT  B 1 9  ? 8.118   1.249   -2.217  1.00 12.55 ? 21 DT  B C2    1 
ATOM   417 O O2    . DT  B 1 9  ? 8.690   1.052   -1.152  1.00 11.13 ? 21 DT  B O2    1 
ATOM   418 N N3    . DT  B 1 9  ? 7.605   0.228   -2.950  1.00 12.78 ? 21 DT  B N3    1 
ATOM   419 C C4    . DT  B 1 9  ? 6.966   0.438   -4.138  1.00 13.56 ? 21 DT  B C4    1 
ATOM   420 O O4    . DT  B 1 9  ? 6.512   -0.591  -4.755  1.00 14.66 ? 21 DT  B O4    1 
ATOM   421 C C5    . DT  B 1 9  ? 6.828   1.760   -4.645  1.00 12.79 ? 21 DT  B C5    1 
ATOM   422 C C7    . DT  B 1 9  ? 6.128   2.019   -5.936  1.00 12.82 ? 21 DT  B C7    1 
ATOM   423 C C6    . DT  B 1 9  ? 7.348   2.766   -3.908  1.00 13.08 ? 21 DT  B C6    1 
ATOM   424 P P     . DG  B 1 10 ? 11.068  7.236   -0.592  1.00 17.44 ? 22 DG  B P     1 
ATOM   425 O OP1   . DG  B 1 10 ? 10.555  8.319   0.250   1.00 12.79 ? 22 DG  B OP1   1 
ATOM   426 O OP2   . DG  B 1 10 ? 11.731  7.709   -1.866  1.00 14.82 ? 22 DG  B OP2   1 
ATOM   427 O "O5'" . DG  B 1 10 ? 12.238  6.354   0.186   1.00 13.65 ? 22 DG  B "O5'" 1 
ATOM   428 C "C5'" . DG  B 1 10 ? 12.480  5.267   -0.745  1.00 15.98 ? 22 DG  B "C5'" 1 
ATOM   429 C "C4'" . DG  B 1 10 ? 13.194  4.206   0.032   1.00 15.19 ? 22 DG  B "C4'" 1 
ATOM   430 O "O4'" . DG  B 1 10 ? 12.656  2.945   -0.256  1.00 14.39 ? 22 DG  B "O4'" 1 
ATOM   431 C "C3'" . DG  B 1 10 ? 14.678  4.131   -0.377  1.00 15.84 ? 22 DG  B "C3'" 1 
ATOM   432 O "O3'" . DG  B 1 10 ? 15.487  3.580   0.624   1.00 17.09 ? 22 DG  B "O3'" 1 
ATOM   433 C "C2'" . DG  B 1 10 ? 14.544  3.291   -1.653  1.00 15.30 ? 22 DG  B "C2'" 1 
ATOM   434 C "C1'" . DG  B 1 10 ? 13.457  2.335   -1.324  1.00 14.10 ? 22 DG  B "C1'" 1 
ATOM   435 N N9    . DG  B 1 10 ? 12.593  1.974   -2.475  1.00 13.27 ? 22 DG  B N9    1 
ATOM   436 C C8    . DG  B 1 10 ? 12.081  2.747   -3.474  1.00 13.13 ? 22 DG  B C8    1 
ATOM   437 N N7    . DG  B 1 10 ? 11.314  2.086   -4.335  1.00 12.02 ? 22 DG  B N7    1 
ATOM   438 C C5    . DG  B 1 10 ? 11.350  0.776   -3.839  1.00 12.25 ? 22 DG  B C5    1 
ATOM   439 C C6    . DG  B 1 10 ? 10.726  -0.408  -4.308  1.00 12.20 ? 22 DG  B C6    1 
ATOM   440 O O6    . DG  B 1 10 ? 9.995   -0.565  -5.291  1.00 10.09 ? 22 DG  B O6    1 
ATOM   441 N N1    . DG  B 1 10 ? 11.015  -1.531  -3.558  1.00 12.35 ? 22 DG  B N1    1 
ATOM   442 C C2    . DG  B 1 10 ? 11.798  -1.472  -2.441  1.00 11.63 ? 22 DG  B C2    1 
ATOM   443 N N2    . DG  B 1 10 ? 11.974  -2.628  -1.805  1.00 10.88 ? 22 DG  B N2    1 
ATOM   444 N N3    . DG  B 1 10 ? 12.379  -0.382  -1.975  1.00 12.40 ? 22 DG  B N3    1 
ATOM   445 C C4    . DG  B 1 10 ? 12.124  0.697   -2.715  1.00 10.60 ? 22 DG  B C4    1 
ATOM   446 P P     . DC  B 1 11 ? 17.107  3.640   0.409   1.00 17.75 ? 23 DC  B P     1 
ATOM   447 O OP1   . DC  B 1 11 ? 17.528  4.220   1.709   1.00 18.46 ? 23 DC  B OP1   1 
ATOM   448 O OP2   . DC  B 1 11 ? 17.392  4.397   -0.831  1.00 18.57 ? 23 DC  B OP2   1 
ATOM   449 O "O5'" . DC  B 1 11 ? 17.435  2.074   0.277   1.00 16.26 ? 23 DC  B "O5'" 1 
ATOM   450 C "C5'" . DC  B 1 11 ? 16.595  1.279   1.207   1.00 15.93 ? 23 DC  B "C5'" 1 
ATOM   451 C "C4'" . DC  B 1 11 ? 17.111  -0.152  1.001   1.00 15.79 ? 23 DC  B "C4'" 1 
ATOM   452 O "O4'" . DC  B 1 11 ? 16.242  -0.751  0.077   1.00 14.50 ? 23 DC  B "O4'" 1 
ATOM   453 C "C3'" . DC  B 1 11 ? 18.525  -0.219  0.443   1.00 15.54 ? 23 DC  B "C3'" 1 
ATOM   454 O "O3'" . DC  B 1 11 ? 19.326  -1.303  0.928   1.00 18.81 ? 23 DC  B "O3'" 1 
ATOM   455 C "C2'" . DC  B 1 11 ? 18.281  -0.312  -1.053  1.00 15.81 ? 23 DC  B "C2'" 1 
ATOM   456 C "C1'" . DC  B 1 11 ? 16.928  -0.982  -1.142  1.00 13.10 ? 23 DC  B "C1'" 1 
ATOM   457 N N1    . DC  B 1 11 ? 16.233  -0.439  -2.315  1.00 12.69 ? 23 DC  B N1    1 
ATOM   458 C C2    . DC  B 1 11 ? 15.542  -1.354  -3.089  1.00 11.62 ? 23 DC  B C2    1 
ATOM   459 O O2    . DC  B 1 11 ? 15.481  -2.545  -2.758  1.00 10.99 ? 23 DC  B O2    1 
ATOM   460 N N3    . DC  B 1 11 ? 14.920  -0.877  -4.211  1.00 12.52 ? 23 DC  B N3    1 
ATOM   461 C C4    . DC  B 1 11 ? 14.967  0.430   -4.570  1.00 12.76 ? 23 DC  B C4    1 
ATOM   462 N N4    . DC  B 1 11 ? 14.318  0.815   -5.683  1.00 10.79 ? 23 DC  B N4    1 
ATOM   463 C C5    . DC  B 1 11 ? 15.702  1.361   -3.782  1.00 11.27 ? 23 DC  B C5    1 
ATOM   464 C C6    . DC  B 1 11 ? 16.299  0.883   -2.684  1.00 12.19 ? 23 DC  B C6    1 
ATOM   465 P P     . DG  B 1 12 ? 20.947  -1.241  0.721   1.00 21.97 ? 24 DG  B P     1 
ATOM   466 O OP1   . DG  B 1 12 ? 21.442  -1.338  2.135   1.00 21.56 ? 24 DG  B OP1   1 
ATOM   467 O OP2   . DG  B 1 12 ? 21.329  0.058   0.057   1.00 22.31 ? 24 DG  B OP2   1 
ATOM   468 O "O5'" . DG  B 1 12 ? 21.294  -2.562  -0.110  1.00 19.05 ? 24 DG  B "O5'" 1 
ATOM   469 C "C5'" . DG  B 1 12 ? 21.034  -3.805  0.602   1.00 16.16 ? 24 DG  B "C5'" 1 
ATOM   470 C "C4'" . DG  B 1 12 ? 20.381  -4.800  -0.345  1.00 12.73 ? 24 DG  B "C4'" 1 
ATOM   471 O "O4'" . DG  B 1 12 ? 19.280  -4.288  -1.004  1.00 10.89 ? 24 DG  B "O4'" 1 
ATOM   472 C "C3'" . DG  B 1 12 ? 21.376  -5.255  -1.447  1.00 12.03 ? 24 DG  B "C3'" 1 
ATOM   473 O "O3'" . DG  B 1 12 ? 22.161  -6.332  -0.936  1.00 11.18 ? 24 DG  B "O3'" 1 
ATOM   474 C "C2'" . DG  B 1 12 ? 20.505  -5.531  -2.614  1.00 9.07  ? 24 DG  B "C2'" 1 
ATOM   475 C "C1'" . DG  B 1 12 ? 19.219  -4.837  -2.380  1.00 9.58  ? 24 DG  B "C1'" 1 
ATOM   476 N N9    . DG  B 1 12 ? 18.920  -3.736  -3.316  1.00 8.28  ? 24 DG  B N9    1 
ATOM   477 C C8    . DG  B 1 12 ? 19.162  -2.395  -3.123  1.00 8.32  ? 24 DG  B C8    1 
ATOM   478 N N7    . DG  B 1 12 ? 18.761  -1.635  -4.092  1.00 7.92  ? 24 DG  B N7    1 
ATOM   479 C C5    . DG  B 1 12 ? 18.198  -2.521  -4.995  1.00 7.73  ? 24 DG  B C5    1 
ATOM   480 C C6    . DG  B 1 12 ? 17.574  -2.309  -6.262  1.00 7.15  ? 24 DG  B C6    1 
ATOM   481 O O6    . DG  B 1 12 ? 17.398  -1.245  -6.841  1.00 6.61  ? 24 DG  B O6    1 
ATOM   482 N N1    . DG  B 1 12 ? 17.139  -3.453  -6.864  1.00 7.16  ? 24 DG  B N1    1 
ATOM   483 C C2    . DG  B 1 12 ? 17.268  -4.684  -6.301  1.00 6.83  ? 24 DG  B C2    1 
ATOM   484 N N2    . DG  B 1 12 ? 16.777  -5.686  -7.030  1.00 7.08  ? 24 DG  B N2    1 
ATOM   485 N N3    . DG  B 1 12 ? 17.843  -4.948  -5.124  1.00 7.72  ? 24 DG  B N3    1 
ATOM   486 C C4    . DG  B 1 12 ? 18.285  -3.811  -4.520  1.00 7.86  ? 24 DG  B C4    1 
HETATM 487 O O     . HOH C 2 .  ? 17.204  -0.684  -12.479 1.00 14.28 ? 27 HOH A O     1 
HETATM 488 O O     . HOH C 2 .  ? -4.625  8.090   -5.354  1.00 17.23 ? 28 HOH A O     1 
HETATM 489 O O     . HOH C 2 .  ? 5.992   2.725   10.686  1.00 13.03 ? 31 HOH A O     1 
HETATM 490 O O     . HOH C 2 .  ? -11.821 1.552   -2.704  1.00 13.92 ? 36 HOH A O     1 
HETATM 491 O O     . HOH C 2 .  ? -5.264  13.240  6.556   1.00 35.38 ? 38 HOH A O     1 
HETATM 492 O O     . HOH C 2 .  ? 18.775  -0.135  -9.988  1.00 20.99 ? 39 HOH A O     1 
HETATM 493 O O     . HOH C 2 .  ? 16.297  -2.716  -15.727 1.00 29.86 ? 41 HOH A O     1 
HETATM 494 O O     . HOH C 2 .  ? -1.354  0.276   8.918   1.00 10.05 ? 42 HOH A O     1 
HETATM 495 O O     . HOH C 2 .  ? 1.800   -5.620  -6.437  1.00 28.28 ? 46 HOH A O     1 
HETATM 496 O O     . HOH C 2 .  ? -20.119 4.549   2.245   1.00 9.02  ? 47 HOH A O     1 
HETATM 497 O O     . HOH C 2 .  ? 3.261   10.481  0.604   1.00 17.93 ? 48 HOH A O     1 
HETATM 498 O O     . HOH C 2 .  ? 7.884   -4.594  9.129   1.00 8.68  ? 49 HOH A O     1 
HETATM 499 O O     . HOH C 2 .  ? 4.948   -7.296  -3.604  1.00 29.22 ? 50 HOH A O     1 
HETATM 500 O O     . HOH C 2 .  ? 7.098   -2.857  -7.247  1.00 26.71 ? 54 HOH A O     1 
HETATM 501 O O     . HOH C 2 .  ? -9.302  13.062  -7.627  1.00 46.38 ? 55 HOH A O     1 
HETATM 502 O O     . HOH C 2 .  ? -13.958 -2.863  -3.970  1.00 22.82 ? 56 HOH A O     1 
HETATM 503 O O     . HOH C 2 .  ? -0.055  -1.685  12.000  1.00 47.99 ? 57 HOH A O     1 
HETATM 504 O O     . HOH C 2 .  ? 10.467  -0.119  9.667   1.00 18.94 ? 64 HOH A O     1 
HETATM 505 O O     . HOH C 2 .  ? 0.754   12.905  1.654   1.00 43.71 ? 65 HOH A O     1 
HETATM 506 O O     . HOH D 2 .  ? -7.966  0.434   -1.704  1.00 6.61  ? 25 HOH B O     1 
HETATM 507 O O     . HOH D 2 .  ? -6.273  2.321   -3.567  1.00 17.16 ? 26 HOH B O     1 
HETATM 508 O O     . HOH D 2 .  ? 1.563   5.849   -0.492  1.00 14.16 ? 29 HOH B O     1 
HETATM 509 O O     . HOH D 2 .  ? 0.006   5.404   -12.772 1.00 25.82 ? 30 HOH B O     1 
HETATM 510 O O     . HOH D 2 .  ? 5.181   3.920   0.345   1.00 17.81 ? 32 HOH B O     1 
HETATM 511 O O     . HOH D 2 .  ? 7.498   10.083  -1.326  1.00 12.69 ? 33 HOH B O     1 
HETATM 512 O O     . HOH D 2 .  ? -7.325  -6.408  10.508  1.00 16.51 ? 34 HOH B O     1 
HETATM 513 O O     . HOH D 2 .  ? -10.195 -0.756  -1.137  1.00 6.67  ? 35 HOH B O     1 
HETATM 514 O O     . HOH D 2 .  ? -5.483  -3.850  8.222   1.00 26.04 ? 37 HOH B O     1 
HETATM 515 O O     . HOH D 2 .  ? -4.888  0.783   -11.675 1.00 17.97 ? 40 HOH B O     1 
HETATM 516 O O     . HOH D 2 .  ? -4.371  -3.894  -10.150 1.00 25.68 ? 43 HOH B O     1 
HETATM 517 O O     . HOH D 2 .  ? -13.404 0.007   16.815  1.00 20.98 ? 44 HOH B O     1 
HETATM 518 O O     . HOH D 2 .  ? -0.576  -5.443  -8.726  1.00 41.51 ? 45 HOH B O     1 
HETATM 519 O O     . HOH D 2 .  ? 6.439   12.367  -2.971  1.00 24.85 ? 51 HOH B O     1 
HETATM 520 O O     . HOH D 2 .  ? 4.732   -0.765  -14.421 1.00 38.24 ? 52 HOH B O     1 
HETATM 521 O O     . HOH D 2 .  ? 6.990   10.013  -7.313  1.00 23.67 ? 53 HOH B O     1 
HETATM 522 O O     . HOH D 2 .  ? -3.016  -1.544  -8.704  1.00 18.75 ? 58 HOH B O     1 
HETATM 523 O O     . HOH D 2 .  ? -0.250  10.711  -7.057  1.00 39.86 ? 59 HOH B O     1 
HETATM 524 O O     . HOH D 2 .  ? 0.416   9.096   -3.290  1.00 28.80 ? 60 HOH B O     1 
HETATM 525 O O     . HOH D 2 .  ? 0.984   -1.108  -12.381 1.00 19.76 ? 61 HOH B O     1 
HETATM 526 O O     . HOH D 2 .  ? 3.241   12.954  -4.171  1.00 41.24 ? 62 HOH B O     1 
HETATM 527 O O     . HOH D 2 .  ? 5.483   6.660   -8.877  1.00 14.37 ? 63 HOH B O     1 
HETATM 528 O O     . HOH D 2 .  ? 2.204   1.083   -8.704  1.00 31.63 ? 66 HOH B O     1 
HETATM 529 O O     . HOH D 2 .  ? 11.213  8.471   3.094   1.00 34.47 ? 67 HOH B O     1 
# 
